data_4JQA
#
_entry.id   4JQA
#
_cell.length_a   144.979
_cell.length_b   144.979
_cell.length_c   201.512
_cell.angle_alpha   90.00
_cell.angle_beta   90.00
_cell.angle_gamma   120.00
#
_symmetry.space_group_name_H-M   'H 3 2'
#
loop_
_entity.id
_entity.type
_entity.pdbx_description
1 polymer 'Aldo-keto reductase family 1 member C2'
2 non-polymer '2-[(2,3-DIMETHYLPHENYL)AMINO]BENZOIC ACID'
3 non-polymer 'NADP NICOTINAMIDE-ADENINE-DINUCLEOTIDE PHOSPHATE'
4 non-polymer 1,2-ETHANEDIOL
5 non-polymer 'SODIUM ION'
6 non-polymer 'L(+)-TARTARIC ACID'
7 non-polymer 'PHOSPHATE ION'
8 water water
#
_entity_poly.entity_id   1
_entity_poly.type   'polypeptide(L)'
_entity_poly.pdbx_seq_one_letter_code
;MDSKYQCVKLNDGHFMPVLGFGTYAPAEVPKSKALEAVKLAIEAGFHHIDSAHVYNNEEQVGLAIRSKIADGSVKREDIF
YTSKLWSNSHRPELVRPALERSLKNLQLDYVDLYLIHFPVSVKPGEEVIPKDENGKILFDTVDLCATWEAMEKCKDAGLA
KSIGVSNFNHRLLEMILNKPGLKYKPVCNQVECHPYFNQRKLLDFCKSKDIVLVAYSALGSHREEPWVDPNSPVLLEDPV
LCALAKKHKRTPALIALRYQLQRGVVVLAKSYNEQRIRQNVQVFEFQLTSEEMKAIDGLNRNVRYLTLDIFAGPPNYPFS
DEYLEHHHHHH
;
_entity_poly.pdbx_strand_id   A,B
#
loop_
_chem_comp.id
_chem_comp.type
_chem_comp.name
_chem_comp.formula
EDO non-polymer 1,2-ETHANEDIOL 'C2 H6 O2'
ID8 non-polymer '2-[(2,3-DIMETHYLPHENYL)AMINO]BENZOIC ACID' 'C15 H15 N O2'
NA non-polymer 'SODIUM ION' 'Na 1'
NAP non-polymer 'NADP NICOTINAMIDE-ADENINE-DINUCLEOTIDE PHOSPHATE' 'C21 H28 N7 O17 P3'
PO4 non-polymer 'PHOSPHATE ION' 'O4 P -3'
TLA non-polymer 'L(+)-TARTARIC ACID' 'C4 H6 O6'
#
# COMPACT_ATOMS: atom_id res chain seq x y z
N LYS A 4 10.20 -8.74 -0.57
CA LYS A 4 9.39 -7.52 -0.67
C LYS A 4 8.23 -7.56 0.36
N TYR A 5 7.64 -6.38 0.61
CA TYR A 5 6.65 -6.23 1.63
C TYR A 5 5.97 -4.86 1.43
N GLN A 6 4.72 -4.73 1.91
CA GLN A 6 3.90 -3.53 1.66
CA GLN A 6 3.92 -3.51 1.68
C GLN A 6 4.31 -2.36 2.62
N CYS A 7 4.69 -1.25 2.00
CA CYS A 7 5.04 -0.06 2.65
C CYS A 7 4.27 1.14 2.07
N VAL A 8 4.30 2.25 2.79
CA VAL A 8 3.78 3.55 2.35
C VAL A 8 4.87 4.62 2.42
N LYS A 9 4.80 5.52 1.43
CA LYS A 9 5.77 6.59 1.36
C LYS A 9 5.37 7.71 2.35
N LEU A 10 6.28 8.08 3.23
CA LEU A 10 6.09 9.17 4.19
C LEU A 10 6.34 10.51 3.50
N ASN A 11 5.96 11.57 4.21
CA ASN A 11 6.12 12.95 3.70
C ASN A 11 7.57 13.46 3.64
N ASP A 12 8.50 12.72 4.22
CA ASP A 12 9.95 12.99 4.14
C ASP A 12 10.71 12.06 3.19
N GLY A 13 9.92 11.25 2.46
CA GLY A 13 10.46 10.41 1.42
C GLY A 13 10.88 9.02 1.89
N HIS A 14 10.85 8.74 3.20
CA HIS A 14 11.17 7.40 3.75
C HIS A 14 9.93 6.56 3.61
N PHE A 15 10.11 5.25 3.76
CA PHE A 15 9.04 4.29 3.63
C PHE A 15 8.79 3.55 4.96
N MET A 16 7.49 3.39 5.27
CA MET A 16 7.01 2.69 6.47
C MET A 16 6.22 1.45 6.11
N PRO A 17 6.65 0.26 6.61
CA PRO A 17 5.83 -0.92 6.42
C PRO A 17 4.46 -0.70 7.06
N VAL A 18 3.39 -1.13 6.38
CA VAL A 18 2.03 -0.76 6.78
C VAL A 18 1.49 -1.63 7.92
N LEU A 19 2.11 -2.77 8.22
CA LEU A 19 1.83 -3.56 9.39
C LEU A 19 3.02 -3.55 10.35
N GLY A 20 2.77 -3.12 11.59
CA GLY A 20 3.78 -3.02 12.63
C GLY A 20 3.53 -3.96 13.76
N PHE A 21 4.59 -4.42 14.42
CA PHE A 21 4.53 -5.29 15.55
C PHE A 21 4.61 -4.48 16.83
N GLY A 22 3.61 -4.57 17.63
CA GLY A 22 3.64 -3.88 18.92
C GLY A 22 4.36 -4.68 19.96
N THR A 23 5.08 -3.99 20.82
CA THR A 23 5.97 -4.65 21.79
C THR A 23 5.62 -4.42 23.27
N TYR A 24 4.58 -3.64 23.57
CA TYR A 24 4.24 -3.38 24.97
C TYR A 24 3.52 -4.57 25.57
N ALA A 25 3.92 -4.96 26.76
CA ALA A 25 3.15 -5.99 27.50
C ALA A 25 3.03 -5.54 28.92
N PRO A 26 1.92 -5.95 29.57
CA PRO A 26 1.75 -5.54 31.01
C PRO A 26 2.90 -6.00 31.92
N ALA A 27 3.12 -5.31 33.03
CA ALA A 27 4.30 -5.49 33.87
C ALA A 27 4.42 -6.92 34.40
N GLU A 28 3.29 -7.62 34.51
CA GLU A 28 3.36 -8.98 35.06
C GLU A 28 3.91 -9.99 34.05
N VAL A 29 4.08 -9.56 32.78
CA VAL A 29 4.70 -10.42 31.78
C VAL A 29 6.22 -10.15 31.81
N PRO A 30 7.00 -11.20 31.99
CA PRO A 30 8.46 -10.95 32.05
C PRO A 30 9.00 -10.32 30.76
N LYS A 31 9.96 -9.46 30.92
CA LYS A 31 10.61 -8.81 29.76
C LYS A 31 11.27 -9.72 28.79
N SER A 32 11.84 -10.81 29.29
CA SER A 32 12.36 -11.92 28.46
C SER A 32 11.44 -12.33 27.30
N LYS A 33 10.14 -12.06 27.49
CA LYS A 33 9.18 -12.52 26.53
C LYS A 33 9.18 -11.60 25.28
N ALA A 34 9.67 -10.39 25.45
CA ALA A 34 9.76 -9.44 24.34
C ALA A 34 10.81 -9.90 23.31
N LEU A 35 11.86 -10.57 23.78
CA LEU A 35 12.95 -11.02 22.94
C LEU A 35 12.46 -12.09 22.02
N GLU A 36 11.78 -13.08 22.60
CA GLU A 36 11.34 -14.20 21.76
C GLU A 36 10.29 -13.72 20.77
N ALA A 37 9.39 -12.84 21.23
CA ALA A 37 8.22 -12.41 20.42
C ALA A 37 8.71 -11.60 19.20
N VAL A 38 9.66 -10.71 19.41
CA VAL A 38 10.16 -9.89 18.30
C VAL A 38 10.88 -10.76 17.29
N LYS A 39 11.65 -11.78 17.74
CA LYS A 39 12.26 -12.71 16.78
C LYS A 39 11.18 -13.45 15.99
N LEU A 40 10.12 -13.91 16.63
CA LEU A 40 9.03 -14.61 15.93
C LEU A 40 8.28 -13.68 14.96
N ALA A 41 8.16 -12.41 15.32
CA ALA A 41 7.50 -11.42 14.47
C ALA A 41 8.32 -11.22 13.21
N ILE A 42 9.62 -11.12 13.37
CA ILE A 42 10.53 -10.98 12.20
C ILE A 42 10.45 -12.21 11.33
N GLU A 43 10.49 -13.40 11.94
CA GLU A 43 10.38 -14.67 11.18
C GLU A 43 9.06 -14.76 10.40
N ALA A 44 7.95 -14.24 11.01
CA ALA A 44 6.64 -14.33 10.39
C ALA A 44 6.47 -13.36 9.25
N GLY A 45 7.35 -12.33 9.15
CA GLY A 45 7.23 -11.31 8.16
C GLY A 45 6.90 -9.89 8.55
N PHE A 46 6.94 -9.60 9.86
CA PHE A 46 6.84 -8.24 10.24
C PHE A 46 8.18 -7.56 9.92
N HIS A 47 8.09 -6.36 9.35
CA HIS A 47 9.23 -5.52 9.04
C HIS A 47 9.27 -4.16 9.79
N HIS A 48 8.30 -3.95 10.62
CA HIS A 48 8.08 -2.71 11.38
C HIS A 48 7.81 -3.13 12.84
N ILE A 49 8.60 -2.55 13.74
N ILE A 49 8.67 -2.61 13.73
CA ILE A 49 8.60 -2.91 15.16
CA ILE A 49 8.62 -2.90 15.16
C ILE A 49 8.46 -1.64 16.00
C ILE A 49 8.36 -1.56 15.88
N ASP A 50 7.37 -1.55 16.79
CA ASP A 50 7.08 -0.38 17.55
C ASP A 50 7.42 -0.58 19.03
N SER A 51 8.29 0.26 19.54
CA SER A 51 8.55 0.31 20.97
C SER A 51 8.65 1.75 21.50
N ALA A 52 9.23 1.89 22.69
CA ALA A 52 9.22 3.13 23.45
C ALA A 52 10.12 2.95 24.64
N HIS A 53 10.67 4.06 25.10
CA HIS A 53 11.51 4.01 26.34
C HIS A 53 10.65 3.51 27.50
N VAL A 54 9.42 3.91 27.54
CA VAL A 54 8.58 3.61 28.66
C VAL A 54 8.10 2.14 28.74
N TYR A 55 8.27 1.39 27.68
CA TYR A 55 7.97 -0.02 27.67
C TYR A 55 8.97 -0.89 28.42
N ASN A 56 10.11 -0.31 28.77
CA ASN A 56 11.14 -0.97 29.54
C ASN A 56 11.54 -2.30 28.95
N ASN A 57 11.64 -2.31 27.61
CA ASN A 57 12.01 -3.51 26.90
C ASN A 57 13.05 -3.26 25.79
N GLU A 58 13.58 -2.05 25.67
N GLU A 58 13.57 -2.06 25.65
CA GLU A 58 14.47 -1.75 24.55
CA GLU A 58 14.42 -1.78 24.51
C GLU A 58 15.71 -2.71 24.53
C GLU A 58 15.71 -2.68 24.52
N GLU A 59 16.21 -3.17 25.67
CA GLU A 59 17.34 -4.13 25.70
CA GLU A 59 17.33 -4.06 25.63
C GLU A 59 16.96 -5.38 24.93
N GLN A 60 15.79 -5.91 25.26
CA GLN A 60 15.33 -7.15 24.72
C GLN A 60 14.93 -7.01 23.24
N VAL A 61 14.27 -5.93 22.92
CA VAL A 61 13.84 -5.73 21.56
C VAL A 61 15.07 -5.47 20.64
N GLY A 62 16.02 -4.69 21.10
CA GLY A 62 17.26 -4.48 20.36
C GLY A 62 18.00 -5.79 20.17
N LEU A 63 18.09 -6.66 21.18
CA LEU A 63 18.79 -7.91 21.04
C LEU A 63 18.13 -8.78 19.97
N ALA A 64 16.81 -8.78 19.95
CA ALA A 64 16.08 -9.55 18.97
C ALA A 64 16.46 -9.07 17.57
N ILE A 65 16.42 -7.76 17.36
CA ILE A 65 16.78 -7.19 16.08
C ILE A 65 18.23 -7.48 15.71
N ARG A 66 19.14 -7.19 16.60
CA ARG A 66 20.55 -7.48 16.32
C ARG A 66 20.80 -8.96 16.03
N SER A 67 20.10 -9.85 16.71
CA SER A 67 20.27 -11.32 16.52
C SER A 67 19.86 -11.69 15.09
N LYS A 68 18.67 -11.18 14.68
CA LYS A 68 18.16 -11.50 13.36
C LYS A 68 19.00 -10.89 12.22
N ILE A 69 19.69 -9.84 12.51
CA ILE A 69 20.54 -9.23 11.51
C ILE A 69 21.83 -10.09 11.51
N ALA A 70 22.36 -10.34 12.70
CA ALA A 70 23.64 -11.04 12.78
C ALA A 70 23.61 -12.43 12.28
N ASP A 71 22.49 -13.12 12.35
CA ASP A 71 22.40 -14.51 11.82
C ASP A 71 21.99 -14.59 10.31
N GLY A 72 21.87 -13.41 9.68
CA GLY A 72 21.57 -13.28 8.26
C GLY A 72 20.11 -13.38 7.82
N SER A 73 19.23 -13.44 8.83
CA SER A 73 17.79 -13.48 8.58
C SER A 73 17.27 -12.21 7.88
N VAL A 74 17.80 -11.05 8.29
CA VAL A 74 17.22 -9.81 7.80
C VAL A 74 18.36 -8.77 7.76
N LYS A 75 18.27 -7.82 6.83
CA LYS A 75 19.14 -6.66 6.82
C LYS A 75 18.59 -5.50 7.66
N ARG A 76 19.45 -4.68 8.19
CA ARG A 76 19.00 -3.51 8.98
C ARG A 76 18.07 -2.62 8.16
N GLU A 77 18.34 -2.46 6.87
CA GLU A 77 17.51 -1.62 6.01
C GLU A 77 16.09 -2.20 5.82
N ASP A 78 15.87 -3.48 6.18
CA ASP A 78 14.58 -4.09 6.05
C ASP A 78 13.86 -4.25 7.36
N ILE A 79 14.39 -3.58 8.38
CA ILE A 79 13.69 -3.39 9.63
C ILE A 79 13.40 -1.87 9.79
N PHE A 80 12.13 -1.56 10.13
CA PHE A 80 11.71 -0.20 10.48
C PHE A 80 11.40 -0.20 11.97
N TYR A 81 12.26 0.40 12.78
CA TYR A 81 12.18 0.41 14.21
C TYR A 81 11.78 1.80 14.70
N THR A 82 10.68 1.84 15.50
CA THR A 82 10.20 3.06 16.12
C THR A 82 10.50 3.10 17.63
N SER A 83 11.05 4.23 18.08
CA SER A 83 11.07 4.54 19.53
C SER A 83 10.26 5.84 19.74
N LYS A 84 10.14 6.14 21.03
CA LYS A 84 9.34 7.26 21.42
C LYS A 84 10.04 7.98 22.57
N LEU A 85 10.00 9.31 22.45
CA LEU A 85 10.50 10.25 23.47
C LEU A 85 9.46 10.36 24.60
N TRP A 86 9.83 9.92 25.77
CA TRP A 86 8.92 10.02 26.92
C TRP A 86 8.90 11.47 27.45
N SER A 87 7.81 11.75 28.14
CA SER A 87 7.45 13.06 28.63
C SER A 87 8.37 13.67 29.68
N ASN A 88 9.27 12.87 30.26
CA ASN A 88 10.28 13.40 31.17
C ASN A 88 11.49 14.02 30.44
N SER A 89 11.42 13.93 29.12
CA SER A 89 12.48 14.45 28.27
C SER A 89 12.04 15.39 27.16
N HIS A 90 10.93 16.08 27.36
CA HIS A 90 10.45 17.09 26.42
C HIS A 90 11.33 18.35 26.37
N ARG A 91 12.03 18.66 27.48
CA ARG A 91 12.83 19.87 27.40
C ARG A 91 13.81 19.70 26.24
N PRO A 92 14.00 20.75 25.43
CA PRO A 92 14.76 20.57 24.21
C PRO A 92 16.13 19.99 24.38
N GLU A 93 16.87 20.36 25.43
CA GLU A 93 18.20 19.91 25.61
C GLU A 93 18.29 18.44 26.04
N LEU A 94 17.10 17.90 26.44
CA LEU A 94 16.98 16.48 26.92
C LEU A 94 16.53 15.49 25.82
N VAL A 95 16.12 16.02 24.68
CA VAL A 95 15.63 15.20 23.57
C VAL A 95 16.66 14.27 22.95
N ARG A 96 17.75 14.87 22.51
CA ARG A 96 18.85 14.08 22.01
C ARG A 96 19.43 13.09 22.99
N PRO A 97 19.67 13.51 24.24
CA PRO A 97 20.15 12.49 25.23
C PRO A 97 19.19 11.29 25.37
N ALA A 98 17.87 11.54 25.31
CA ALA A 98 16.90 10.43 25.51
C ALA A 98 16.98 9.48 24.30
N LEU A 99 17.09 10.05 23.11
CA LEU A 99 17.29 9.22 21.90
C LEU A 99 18.57 8.39 21.98
N GLU A 100 19.66 9.03 22.36
N GLU A 100 19.66 9.03 22.36
CA GLU A 100 20.93 8.36 22.47
CA GLU A 100 20.93 8.36 22.47
C GLU A 100 20.95 7.30 23.57
C GLU A 100 20.93 7.29 23.56
N ARG A 101 20.15 7.49 24.61
CA ARG A 101 20.01 6.51 25.67
C ARG A 101 19.24 5.30 25.15
N SER A 102 18.18 5.58 24.42
CA SER A 102 17.47 4.45 23.78
C SER A 102 18.40 3.65 22.84
N LEU A 103 19.13 4.38 22.01
CA LEU A 103 20.04 3.73 21.03
C LEU A 103 21.13 2.89 21.73
N LYS A 104 21.65 3.36 22.85
CA LYS A 104 22.57 2.57 23.67
C LYS A 104 21.92 1.29 24.19
N ASN A 105 20.70 1.38 24.72
CA ASN A 105 20.02 0.22 25.20
C ASN A 105 19.79 -0.83 24.08
N LEU A 106 19.40 -0.32 22.93
CA LEU A 106 19.13 -1.13 21.74
C LEU A 106 20.36 -1.69 21.07
N GLN A 107 21.50 -1.04 21.30
CA GLN A 107 22.73 -1.23 20.49
C GLN A 107 22.42 -1.18 18.98
N LEU A 108 21.64 -0.13 18.59
CA LEU A 108 21.40 0.25 17.22
C LEU A 108 21.99 1.64 16.94
N ASP A 109 22.37 1.89 15.70
CA ASP A 109 22.92 3.16 15.36
C ASP A 109 21.91 4.27 15.16
N TYR A 110 20.70 3.87 14.73
CA TYR A 110 19.69 4.85 14.44
C TYR A 110 18.34 4.18 14.68
N VAL A 111 17.31 5.00 14.93
CA VAL A 111 15.95 4.51 14.77
C VAL A 111 15.37 4.99 13.48
N ASP A 112 14.44 4.22 12.91
CA ASP A 112 13.77 4.64 11.76
C ASP A 112 12.73 5.70 12.02
N LEU A 113 12.17 5.73 13.22
CA LEU A 113 11.21 6.77 13.54
C LEU A 113 11.28 7.08 15.03
N TYR A 114 11.30 8.39 15.34
CA TYR A 114 11.22 8.82 16.74
C TYR A 114 9.97 9.69 16.86
N LEU A 115 9.12 9.33 17.84
CA LEU A 115 7.88 10.08 18.12
C LEU A 115 7.97 10.85 19.45
N ILE A 116 7.29 12.00 19.47
CA ILE A 116 6.90 12.54 20.78
C ILE A 116 5.76 11.66 21.26
N HIS A 117 5.99 10.95 22.36
CA HIS A 117 5.05 9.91 22.82
C HIS A 117 3.68 10.45 23.25
N PHE A 118 3.72 11.58 23.95
CA PHE A 118 2.53 12.09 24.61
C PHE A 118 2.72 13.57 24.92
N PRO A 119 1.72 14.40 24.59
CA PRO A 119 1.97 15.85 24.62
C PRO A 119 2.03 16.53 25.99
N VAL A 120 1.67 15.83 27.07
CA VAL A 120 1.83 16.39 28.43
C VAL A 120 3.22 16.09 28.92
N SER A 121 3.89 17.13 29.43
CA SER A 121 5.25 17.04 29.92
C SER A 121 5.24 16.72 31.43
N VAL A 122 6.31 16.04 31.90
CA VAL A 122 6.55 15.74 33.32
C VAL A 122 7.99 16.10 33.68
N LYS A 123 8.25 16.35 34.96
CA LYS A 123 9.56 16.77 35.39
C LYS A 123 10.65 15.83 34.96
N PRO A 124 11.78 16.42 34.53
CA PRO A 124 12.93 15.50 34.24
C PRO A 124 13.51 14.66 35.39
N GLY A 125 14.16 13.59 35.00
CA GLY A 125 14.66 12.62 35.91
C GLY A 125 14.52 11.21 35.39
N GLU A 126 15.04 10.23 36.14
CA GLU A 126 14.92 8.81 35.75
C GLU A 126 13.48 8.32 35.81
N GLU A 127 12.69 8.87 36.74
CA GLU A 127 11.35 8.38 36.96
C GLU A 127 10.45 8.78 35.78
N VAL A 128 9.79 7.83 35.19
CA VAL A 128 8.91 8.09 34.11
C VAL A 128 7.53 8.72 34.49
N ILE A 129 6.99 8.40 35.66
CA ILE A 129 5.83 9.16 36.16
C ILE A 129 6.24 9.73 37.55
N PRO A 130 6.98 10.80 37.54
CA PRO A 130 7.50 11.35 38.81
C PRO A 130 6.34 11.89 39.64
N LYS A 131 6.38 11.55 40.89
CA LYS A 131 5.40 12.02 41.83
C LYS A 131 5.99 12.74 43.02
N ASP A 132 5.23 13.71 43.51
CA ASP A 132 5.64 14.38 44.78
C ASP A 132 5.30 13.50 46.01
N GLU A 133 5.58 13.99 47.21
N GLU A 133 5.58 14.03 47.19
CA GLU A 133 5.45 13.14 48.36
CA GLU A 133 5.47 13.28 48.41
C GLU A 133 3.99 12.83 48.65
C GLU A 133 4.01 12.89 48.68
N ASN A 134 3.10 13.63 48.04
CA ASN A 134 1.68 13.42 48.16
C ASN A 134 1.02 12.68 47.00
N GLY A 135 1.85 12.07 46.17
CA GLY A 135 1.37 11.29 45.05
C GLY A 135 0.93 12.05 43.84
N LYS A 136 1.15 13.38 43.82
CA LYS A 136 0.79 14.16 42.71
C LYS A 136 1.83 14.02 41.59
N ILE A 137 1.33 13.83 40.36
CA ILE A 137 2.23 13.81 39.20
C ILE A 137 2.89 15.16 39.09
N LEU A 138 4.22 15.18 38.93
CA LEU A 138 4.97 16.38 38.75
C LEU A 138 4.98 16.84 37.29
N PHE A 139 3.99 17.57 36.91
CA PHE A 139 3.89 18.14 35.57
C PHE A 139 4.92 19.25 35.34
N ASP A 140 5.30 19.41 34.06
CA ASP A 140 6.30 20.36 33.62
C ASP A 140 5.66 21.22 32.53
N THR A 141 6.11 22.46 32.39
CA THR A 141 5.66 23.34 31.36
C THR A 141 6.78 23.46 30.32
N VAL A 142 6.54 22.93 29.13
CA VAL A 142 7.50 22.96 28.02
C VAL A 142 6.75 23.32 26.72
N ASP A 143 7.40 24.16 25.86
CA ASP A 143 6.89 24.54 24.57
C ASP A 143 7.20 23.35 23.63
N LEU A 144 6.16 22.61 23.24
CA LEU A 144 6.33 21.47 22.33
C LEU A 144 6.87 21.89 20.99
N CYS A 145 6.75 23.17 20.59
CA CYS A 145 7.40 23.58 19.37
C CYS A 145 8.94 23.57 19.55
N ALA A 146 9.43 23.85 20.77
CA ALA A 146 10.84 23.68 21.03
C ALA A 146 11.27 22.26 21.06
N THR A 147 10.45 21.41 21.66
CA THR A 147 10.68 19.95 21.65
C THR A 147 10.81 19.50 20.20
N TRP A 148 9.92 20.00 19.33
CA TRP A 148 9.91 19.57 17.94
C TRP A 148 11.19 20.02 17.20
N GLU A 149 11.72 21.24 17.45
CA GLU A 149 12.95 21.71 16.82
C GLU A 149 14.05 20.77 17.22
N ALA A 150 14.04 20.30 18.46
CA ALA A 150 15.02 19.33 18.93
C ALA A 150 14.95 17.95 18.21
N MET A 151 13.73 17.56 17.94
CA MET A 151 13.48 16.37 17.16
C MET A 151 14.04 16.55 15.79
N GLU A 152 13.71 17.68 15.15
CA GLU A 152 14.29 18.02 13.84
C GLU A 152 15.81 17.82 13.79
N LYS A 153 16.50 18.32 14.81
CA LYS A 153 17.91 18.21 14.86
C LYS A 153 18.39 16.74 14.91
N CYS A 154 17.63 15.91 15.60
CA CYS A 154 17.94 14.49 15.71
C CYS A 154 17.84 13.86 14.31
N LYS A 155 16.88 14.31 13.55
CA LYS A 155 16.72 13.81 12.16
C LYS A 155 17.92 14.27 11.32
N ASP A 156 18.25 15.52 11.42
CA ASP A 156 19.39 16.01 10.66
C ASP A 156 20.69 15.33 11.06
N ALA A 157 20.80 14.94 12.33
CA ALA A 157 21.94 14.16 12.80
C ALA A 157 22.00 12.73 12.37
N GLY A 158 20.92 12.25 11.71
CA GLY A 158 20.86 10.83 11.29
C GLY A 158 20.51 9.81 12.38
N LEU A 159 20.21 10.33 13.55
CA LEU A 159 19.85 9.46 14.68
C LEU A 159 18.42 8.84 14.55
N ALA A 160 17.55 9.59 13.92
CA ALA A 160 16.17 9.20 13.62
C ALA A 160 16.03 9.47 12.15
N LYS A 161 15.66 8.44 11.38
CA LYS A 161 15.44 8.69 9.96
C LYS A 161 14.22 9.57 9.66
N SER A 162 13.16 9.36 10.48
CA SER A 162 11.95 10.12 10.36
C SER A 162 11.52 10.47 11.81
N ILE A 163 10.76 11.55 11.90
CA ILE A 163 10.17 12.00 13.17
C ILE A 163 8.67 12.23 13.06
N GLY A 164 7.97 11.99 14.17
CA GLY A 164 6.55 12.12 14.18
C GLY A 164 6.05 12.36 15.58
N VAL A 165 4.70 12.23 15.73
CA VAL A 165 4.07 12.48 17.00
C VAL A 165 3.06 11.39 17.35
N SER A 166 2.59 11.32 18.60
CA SER A 166 1.63 10.34 19.04
C SER A 166 0.72 11.02 20.02
N ASN A 167 -0.55 10.66 19.93
CA ASN A 167 -1.55 11.19 20.88
C ASN A 167 -1.77 12.68 20.69
N PHE A 168 -1.49 13.20 19.51
CA PHE A 168 -1.74 14.58 19.20
C PHE A 168 -3.17 14.73 18.69
N ASN A 169 -3.84 15.79 19.14
CA ASN A 169 -5.10 16.19 18.53
C ASN A 169 -4.93 17.23 17.41
N HIS A 170 -6.08 17.71 16.83
CA HIS A 170 -6.06 18.68 15.76
C HIS A 170 -5.26 19.95 16.18
N ARG A 171 -5.58 20.47 17.38
CA ARG A 171 -4.91 21.73 17.84
C ARG A 171 -3.41 21.57 17.94
N LEU A 172 -2.96 20.45 18.54
CA LEU A 172 -1.57 20.24 18.73
C LEU A 172 -0.84 19.93 17.45
N LEU A 173 -1.48 19.25 16.52
CA LEU A 173 -0.89 19.11 15.20
C LEU A 173 -0.73 20.42 14.48
N GLU A 174 -1.80 21.25 14.50
CA GLU A 174 -1.74 22.59 13.92
C GLU A 174 -0.61 23.42 14.56
N MET A 175 -0.43 23.29 15.86
CA MET A 175 0.64 24.02 16.51
C MET A 175 2.00 23.69 15.89
N ILE A 176 2.26 22.41 15.57
CA ILE A 176 3.49 22.09 14.92
C ILE A 176 3.52 22.54 13.47
N LEU A 177 2.45 22.23 12.73
CA LEU A 177 2.39 22.57 11.30
C LEU A 177 2.48 24.05 11.00
N ASN A 178 1.98 24.87 11.92
CA ASN A 178 2.05 26.33 11.75
C ASN A 178 3.29 26.99 12.42
N LYS A 179 4.15 26.18 13.02
CA LYS A 179 5.36 26.74 13.68
C LYS A 179 6.18 27.57 12.74
N PRO A 180 6.51 28.84 13.10
CA PRO A 180 7.45 29.57 12.25
C PRO A 180 8.77 28.78 12.10
N GLY A 181 9.27 28.72 10.88
CA GLY A 181 10.55 28.08 10.69
C GLY A 181 10.55 26.51 10.62
N LEU A 182 9.38 25.91 10.56
CA LEU A 182 9.25 24.45 10.53
C LEU A 182 10.14 23.89 9.42
N LYS A 183 10.92 22.88 9.78
CA LYS A 183 11.75 22.18 8.87
C LYS A 183 11.11 20.90 8.35
N TYR A 184 10.60 20.08 9.26
CA TYR A 184 9.99 18.78 8.90
C TYR A 184 8.62 18.66 9.54
N LYS A 185 7.59 18.33 8.77
CA LYS A 185 6.32 17.97 9.30
C LYS A 185 6.47 16.64 10.03
N PRO A 186 5.57 16.36 10.96
CA PRO A 186 5.53 14.97 11.51
C PRO A 186 5.15 14.04 10.36
N VAL A 187 5.82 12.90 10.26
CA VAL A 187 5.43 11.92 9.24
C VAL A 187 4.17 11.20 9.62
N CYS A 188 3.81 11.16 10.89
CA CYS A 188 2.69 10.36 11.34
C CYS A 188 2.16 10.96 12.64
N ASN A 189 0.98 10.46 12.99
CA ASN A 189 0.40 10.68 14.31
C ASN A 189 -0.13 9.30 14.75
N GLN A 190 0.50 8.74 15.72
CA GLN A 190 0.20 7.44 16.21
C GLN A 190 -0.85 7.60 17.34
N VAL A 191 -2.06 7.07 17.08
CA VAL A 191 -3.21 7.27 17.98
C VAL A 191 -4.04 5.96 18.08
N GLU A 192 -4.87 5.86 19.10
CA GLU A 192 -5.76 4.76 19.24
C GLU A 192 -6.72 4.74 18.09
N CYS A 193 -6.92 3.62 17.44
CA CYS A 193 -7.86 3.58 16.32
C CYS A 193 -8.27 2.13 16.02
N HIS A 194 -9.58 1.87 15.99
CA HIS A 194 -10.17 0.56 15.82
C HIS A 194 -11.65 0.83 15.47
N PRO A 195 -12.39 -0.24 15.17
CA PRO A 195 -13.77 -0.03 14.70
C PRO A 195 -14.71 0.59 15.73
N TYR A 196 -14.41 0.56 17.01
CA TYR A 196 -15.25 1.30 18.01
C TYR A 196 -14.82 2.76 18.22
N PHE A 197 -13.66 3.13 17.63
CA PHE A 197 -13.17 4.49 17.72
C PHE A 197 -12.39 4.74 16.43
N ASN A 198 -13.11 4.98 15.31
CA ASN A 198 -12.42 4.90 14.00
C ASN A 198 -11.70 6.14 13.51
N GLN A 199 -11.79 7.22 14.31
CA GLN A 199 -11.03 8.42 14.11
C GLN A 199 -11.20 9.04 12.74
N ARG A 200 -12.38 8.89 12.11
CA ARG A 200 -12.58 9.44 10.79
C ARG A 200 -12.17 10.87 10.65
N LYS A 201 -12.64 11.75 11.59
CA LYS A 201 -12.30 13.12 11.45
C LYS A 201 -10.78 13.40 11.45
N LEU A 202 -10.10 12.84 12.46
CA LEU A 202 -8.67 13.07 12.58
C LEU A 202 -7.89 12.42 11.43
N LEU A 203 -8.37 11.25 11.02
CA LEU A 203 -7.79 10.56 9.84
C LEU A 203 -7.85 11.43 8.60
N ASP A 204 -9.01 12.04 8.32
CA ASP A 204 -9.16 12.99 7.18
C ASP A 204 -8.23 14.17 7.30
N PHE A 205 -8.17 14.73 8.53
CA PHE A 205 -7.28 15.83 8.69
C PHE A 205 -5.82 15.44 8.41
N CYS A 206 -5.37 14.30 8.97
CA CYS A 206 -4.03 13.85 8.72
C CYS A 206 -3.80 13.66 7.22
N LYS A 207 -4.78 13.03 6.53
CA LYS A 207 -4.68 12.88 5.07
C LYS A 207 -4.48 14.17 4.33
N SER A 208 -5.23 15.20 4.70
CA SER A 208 -5.13 16.50 4.08
C SER A 208 -3.76 17.14 4.20
N LYS A 209 -2.96 16.72 5.22
CA LYS A 209 -1.65 17.21 5.49
C LYS A 209 -0.53 16.24 5.10
N ASP A 210 -0.90 15.14 4.44
CA ASP A 210 -0.03 13.99 4.13
C ASP A 210 0.71 13.46 5.36
N ILE A 211 -0.01 13.35 6.45
CA ILE A 211 0.46 12.72 7.66
C ILE A 211 -0.18 11.38 7.72
N VAL A 212 0.58 10.34 8.00
CA VAL A 212 0.01 8.99 8.14
C VAL A 212 -0.55 8.79 9.56
N LEU A 213 -1.78 8.30 9.67
CA LEU A 213 -2.27 7.87 10.96
C LEU A 213 -1.83 6.44 11.23
N VAL A 214 -1.16 6.19 12.32
CA VAL A 214 -0.73 4.87 12.74
C VAL A 214 -1.65 4.50 13.92
N ALA A 215 -2.30 3.35 13.81
CA ALA A 215 -3.32 2.83 14.77
C ALA A 215 -2.72 1.95 15.82
N TYR A 216 -2.81 2.35 17.09
CA TYR A 216 -2.57 1.45 18.17
C TYR A 216 -3.88 0.97 18.79
N SER A 217 -3.82 0.00 19.65
CA SER A 217 -4.99 -0.66 20.23
C SER A 217 -5.99 -1.07 19.15
N ALA A 218 -5.46 -1.47 17.98
CA ALA A 218 -6.28 -1.77 16.81
C ALA A 218 -7.07 -3.05 17.00
N LEU A 219 -6.59 -3.89 17.93
CA LEU A 219 -7.31 -5.12 18.32
C LEU A 219 -8.09 -4.96 19.58
N GLY A 220 -8.25 -3.72 20.06
CA GLY A 220 -9.02 -3.43 21.27
C GLY A 220 -8.26 -3.30 22.56
N SER A 221 -6.94 -3.29 22.42
CA SER A 221 -5.99 -3.06 23.52
C SER A 221 -5.71 -4.28 24.39
N HIS A 222 -4.67 -4.13 25.21
CA HIS A 222 -4.37 -5.08 26.22
C HIS A 222 -5.41 -5.26 27.32
N ARG A 223 -6.27 -4.25 27.44
CA ARG A 223 -7.23 -4.13 28.52
C ARG A 223 -6.55 -4.15 29.90
N GLU A 224 -5.35 -3.56 30.01
CA GLU A 224 -4.60 -3.60 31.29
C GLU A 224 -5.20 -2.60 32.30
N GLU A 225 -5.58 -3.10 33.49
CA GLU A 225 -5.97 -2.18 34.59
C GLU A 225 -4.68 -1.64 35.20
N PRO A 226 -4.66 -0.35 35.61
CA PRO A 226 -5.79 0.60 35.64
C PRO A 226 -5.88 1.51 34.38
N TRP A 227 -5.23 1.11 33.27
CA TRP A 227 -5.22 1.97 32.10
C TRP A 227 -6.59 1.96 31.33
N VAL A 228 -7.22 0.80 31.33
CA VAL A 228 -8.43 0.56 30.58
C VAL A 228 -9.49 0.05 31.51
N ASP A 229 -10.70 0.62 31.34
CA ASP A 229 -11.89 0.26 32.12
C ASP A 229 -12.34 -1.14 31.76
N PRO A 230 -12.36 -2.06 32.77
CA PRO A 230 -12.76 -3.43 32.48
C PRO A 230 -14.22 -3.54 32.01
N ASN A 231 -15.05 -2.50 32.17
CA ASN A 231 -16.43 -2.52 31.73
C ASN A 231 -16.62 -2.10 30.30
N SER A 232 -15.57 -1.63 29.65
CA SER A 232 -15.64 -1.31 28.20
C SER A 232 -15.92 -2.59 27.39
N PRO A 233 -16.66 -2.44 26.27
CA PRO A 233 -16.92 -3.59 25.37
C PRO A 233 -15.61 -4.18 24.81
N VAL A 234 -15.56 -5.51 24.65
CA VAL A 234 -14.41 -6.25 24.12
C VAL A 234 -14.50 -6.18 22.59
N LEU A 235 -13.59 -5.45 21.97
CA LEU A 235 -13.68 -5.23 20.55
C LEU A 235 -13.90 -6.55 19.77
N LEU A 236 -13.05 -7.51 20.03
CA LEU A 236 -12.99 -8.73 19.21
C LEU A 236 -14.13 -9.68 19.42
N GLU A 237 -15.04 -9.35 20.35
CA GLU A 237 -16.28 -10.11 20.52
C GLU A 237 -17.40 -9.44 19.73
N ASP A 238 -17.11 -8.39 19.00
CA ASP A 238 -18.17 -7.74 18.24
C ASP A 238 -18.85 -8.64 17.27
N PRO A 239 -20.19 -8.63 17.29
CA PRO A 239 -20.87 -9.65 16.43
C PRO A 239 -20.70 -9.47 14.94
N VAL A 240 -20.57 -8.22 14.51
CA VAL A 240 -20.33 -7.95 13.10
C VAL A 240 -18.90 -8.42 12.67
N LEU A 241 -17.89 -8.13 13.48
CA LEU A 241 -16.52 -8.52 13.17
C LEU A 241 -16.48 -10.02 13.19
N CYS A 242 -17.22 -10.65 14.14
CA CYS A 242 -17.15 -12.07 14.24
C CYS A 242 -17.84 -12.73 13.02
N ALA A 243 -18.93 -12.13 12.53
CA ALA A 243 -19.63 -12.67 11.34
C ALA A 243 -18.87 -12.52 10.06
N LEU A 244 -18.19 -11.38 9.92
CA LEU A 244 -17.28 -11.16 8.77
C LEU A 244 -16.13 -12.14 8.86
N ALA A 245 -15.63 -12.43 10.03
CA ALA A 245 -14.53 -13.42 10.21
C ALA A 245 -14.95 -14.80 9.76
N LYS A 246 -16.14 -15.21 10.23
CA LYS A 246 -16.68 -16.49 9.87
C LYS A 246 -16.86 -16.59 8.37
N LYS A 247 -17.40 -15.55 7.78
CA LYS A 247 -17.65 -15.50 6.35
C LYS A 247 -16.40 -15.74 5.50
N HIS A 248 -15.30 -15.14 5.93
CA HIS A 248 -14.02 -15.19 5.23
C HIS A 248 -13.10 -16.33 5.69
N LYS A 249 -13.49 -17.08 6.74
CA LYS A 249 -12.68 -18.12 7.38
C LYS A 249 -11.40 -17.45 7.88
N ARG A 250 -11.56 -16.30 8.53
CA ARG A 250 -10.42 -15.59 9.13
C ARG A 250 -10.82 -15.42 10.59
N THR A 251 -10.38 -14.34 11.22
CA THR A 251 -10.65 -14.14 12.66
C THR A 251 -11.08 -12.65 12.79
N PRO A 252 -11.74 -12.29 13.90
CA PRO A 252 -12.14 -10.90 14.11
C PRO A 252 -10.89 -9.98 14.10
N ALA A 253 -9.76 -10.44 14.67
CA ALA A 253 -8.55 -9.62 14.65
C ALA A 253 -8.16 -9.28 13.26
N LEU A 254 -8.18 -10.27 12.36
CA LEU A 254 -7.75 -10.01 11.00
C LEU A 254 -8.68 -9.03 10.27
N ILE A 255 -9.98 -9.14 10.54
CA ILE A 255 -10.90 -8.21 9.99
C ILE A 255 -10.57 -6.77 10.45
N ALA A 256 -10.34 -6.59 11.76
CA ALA A 256 -10.01 -5.31 12.31
C ALA A 256 -8.69 -4.75 11.77
N LEU A 257 -7.72 -5.64 11.52
CA LEU A 257 -6.48 -5.18 10.90
C LEU A 257 -6.67 -4.77 9.43
N ARG A 258 -7.44 -5.58 8.70
CA ARG A 258 -7.64 -5.34 7.31
C ARG A 258 -8.39 -4.02 7.02
N TYR A 259 -9.39 -3.78 7.88
CA TYR A 259 -10.15 -2.53 7.83
C TYR A 259 -9.22 -1.28 7.81
N GLN A 260 -8.19 -1.32 8.68
CA GLN A 260 -7.29 -0.22 8.79
C GLN A 260 -6.48 -0.06 7.53
N LEU A 261 -5.98 -1.20 7.07
CA LEU A 261 -5.12 -1.11 5.88
C LEU A 261 -5.87 -0.48 4.72
N GLN A 262 -7.12 -0.93 4.51
CA GLN A 262 -7.89 -0.46 3.34
C GLN A 262 -8.32 1.02 3.41
N ARG A 263 -8.38 1.56 4.61
CA ARG A 263 -8.74 2.95 4.78
C ARG A 263 -7.55 3.85 4.77
N GLY A 264 -6.36 3.25 4.62
CA GLY A 264 -5.18 4.09 4.49
C GLY A 264 -4.34 4.30 5.76
N VAL A 265 -4.64 3.51 6.78
CA VAL A 265 -4.05 3.59 8.09
C VAL A 265 -2.93 2.53 8.16
N VAL A 266 -1.76 2.88 8.73
CA VAL A 266 -0.80 1.90 9.10
C VAL A 266 -1.20 1.35 10.44
N VAL A 267 -1.16 0.03 10.59
CA VAL A 267 -1.74 -0.61 11.75
C VAL A 267 -0.71 -1.42 12.54
N LEU A 268 -0.75 -1.27 13.86
CA LEU A 268 0.04 -2.04 14.80
C LEU A 268 -0.73 -3.25 15.30
N ALA A 269 -0.05 -4.30 15.68
CA ALA A 269 -0.72 -5.47 16.32
C ALA A 269 0.33 -6.05 17.25
N LYS A 270 0.00 -6.11 18.54
CA LYS A 270 0.83 -6.82 19.47
C LYS A 270 0.33 -8.22 19.70
N SER A 271 1.22 -9.18 19.65
CA SER A 271 1.00 -10.52 20.20
C SER A 271 2.29 -11.11 20.63
N TYR A 272 2.29 -11.81 21.80
CA TYR A 272 3.46 -12.60 22.20
C TYR A 272 3.25 -14.11 22.03
N ASN A 273 2.22 -14.46 21.24
CA ASN A 273 1.84 -15.84 21.05
C ASN A 273 2.22 -16.25 19.64
N GLU A 274 2.97 -17.34 19.49
CA GLU A 274 3.53 -17.69 18.21
C GLU A 274 2.44 -17.83 17.16
N GLN A 275 1.36 -18.56 17.48
CA GLN A 275 0.28 -18.79 16.50
C GLN A 275 -0.37 -17.46 16.03
N ARG A 276 -0.68 -16.58 17.01
CA ARG A 276 -1.32 -15.28 16.68
C ARG A 276 -0.40 -14.30 15.91
N ILE A 277 0.90 -14.31 16.23
CA ILE A 277 1.88 -13.53 15.49
C ILE A 277 1.80 -13.94 14.01
N ARG A 278 1.82 -15.23 13.75
CA ARG A 278 1.76 -15.74 12.36
C ARG A 278 0.44 -15.49 11.71
N GLN A 279 -0.61 -15.55 12.49
CA GLN A 279 -1.93 -15.26 12.00
C GLN A 279 -2.02 -13.81 11.52
N ASN A 280 -1.47 -12.89 12.30
CA ASN A 280 -1.72 -11.48 12.00
C ASN A 280 -1.18 -11.01 10.65
N VAL A 281 -0.08 -11.61 10.21
N VAL A 281 -0.09 -11.65 10.25
CA VAL A 281 0.46 -11.26 8.90
CA VAL A 281 0.53 -11.37 8.97
C VAL A 281 -0.43 -11.73 7.76
C VAL A 281 -0.34 -11.81 7.79
N GLN A 282 -1.38 -12.61 8.06
CA GLN A 282 -2.30 -13.01 7.03
C GLN A 282 -3.21 -11.88 6.58
N VAL A 283 -3.08 -10.69 7.19
CA VAL A 283 -3.83 -9.55 6.75
C VAL A 283 -3.63 -9.20 5.30
N PHE A 284 -2.53 -9.62 4.69
CA PHE A 284 -2.23 -9.32 3.30
C PHE A 284 -2.74 -10.39 2.36
N GLU A 285 -3.50 -11.38 2.89
CA GLU A 285 -3.94 -12.54 2.08
CA GLU A 285 -3.95 -12.53 2.09
C GLU A 285 -5.39 -12.41 1.61
N PHE A 286 -6.09 -11.37 1.99
CA PHE A 286 -7.50 -11.21 1.65
C PHE A 286 -7.86 -9.74 1.61
N GLN A 287 -9.07 -9.50 1.10
CA GLN A 287 -9.59 -8.07 0.97
C GLN A 287 -11.06 -8.00 1.34
N LEU A 288 -11.48 -6.82 1.81
CA LEU A 288 -12.87 -6.56 2.18
C LEU A 288 -13.51 -5.73 1.06
N THR A 289 -14.78 -6.06 0.74
CA THR A 289 -15.55 -5.30 -0.19
C THR A 289 -15.99 -3.94 0.36
N SER A 290 -16.52 -3.09 -0.54
CA SER A 290 -16.97 -1.78 -0.13
C SER A 290 -18.13 -1.91 0.88
N GLU A 291 -19.01 -2.91 0.72
CA GLU A 291 -20.11 -3.11 1.68
C GLU A 291 -19.66 -3.60 3.07
N GLU A 292 -18.62 -4.46 3.07
CA GLU A 292 -18.02 -4.95 4.26
C GLU A 292 -17.37 -3.76 5.02
N MET A 293 -16.63 -2.91 4.28
CA MET A 293 -16.00 -1.72 4.90
C MET A 293 -17.04 -0.80 5.53
N LYS A 294 -18.15 -0.62 4.80
CA LYS A 294 -19.25 0.22 5.33
C LYS A 294 -19.83 -0.38 6.59
N ALA A 295 -19.98 -1.71 6.63
CA ALA A 295 -20.48 -2.39 7.83
C ALA A 295 -19.58 -2.10 9.04
N ILE A 296 -18.27 -2.16 8.79
CA ILE A 296 -17.33 -1.89 9.86
C ILE A 296 -17.36 -0.43 10.32
N ASP A 297 -17.44 0.50 9.37
CA ASP A 297 -17.63 1.97 9.65
C ASP A 297 -18.82 2.19 10.57
N GLY A 298 -19.83 1.38 10.40
CA GLY A 298 -21.06 1.48 11.21
C GLY A 298 -20.90 1.06 12.65
N LEU A 299 -19.78 0.40 13.02
CA LEU A 299 -19.53 -0.01 14.38
C LEU A 299 -19.03 1.13 15.32
N ASN A 300 -18.70 2.29 14.73
CA ASN A 300 -18.10 3.34 15.48
C ASN A 300 -18.98 3.72 16.68
N ARG A 301 -18.39 3.77 17.86
CA ARG A 301 -19.15 4.13 18.98
C ARG A 301 -18.55 5.11 19.94
N ASN A 302 -17.52 5.84 19.51
CA ASN A 302 -16.86 6.85 20.36
C ASN A 302 -16.40 6.25 21.75
N VAL A 303 -16.01 4.96 21.73
CA VAL A 303 -15.34 4.20 22.86
C VAL A 303 -13.84 4.40 22.77
N ARG A 304 -13.25 5.29 23.59
CA ARG A 304 -11.77 5.32 23.72
C ARG A 304 -11.35 4.40 24.90
N TYR A 305 -10.53 3.36 24.58
CA TYR A 305 -9.96 2.44 25.61
C TYR A 305 -8.96 3.15 26.53
N LEU A 306 -8.06 3.95 25.92
CA LEU A 306 -6.90 4.51 26.62
C LEU A 306 -7.06 6.02 26.77
N THR A 307 -7.67 6.41 27.90
CA THR A 307 -7.94 7.82 28.13
C THR A 307 -6.67 8.53 28.67
N LEU A 308 -5.77 7.74 29.30
CA LEU A 308 -4.55 8.28 29.85
C LEU A 308 -4.93 9.41 30.83
N ASP A 309 -6.05 9.27 31.55
CA ASP A 309 -6.53 10.39 32.30
C ASP A 309 -5.78 10.75 33.60
N ILE A 310 -4.79 9.96 34.00
CA ILE A 310 -3.86 10.38 35.08
C ILE A 310 -3.02 11.60 34.60
N PHE A 311 -2.96 11.83 33.30
CA PHE A 311 -2.33 13.02 32.76
C PHE A 311 -3.31 14.19 32.35
N ALA A 312 -4.58 14.06 32.72
CA ALA A 312 -5.53 15.11 32.48
C ALA A 312 -5.32 16.28 33.48
N GLY A 313 -5.65 17.48 33.01
CA GLY A 313 -5.52 18.72 33.80
C GLY A 313 -4.75 19.79 33.10
N PRO A 314 -3.51 19.46 32.69
CA PRO A 314 -2.66 20.40 31.99
C PRO A 314 -3.29 20.73 30.61
N PRO A 315 -2.99 21.91 30.08
CA PRO A 315 -3.58 22.35 28.81
C PRO A 315 -3.35 21.41 27.63
N ASN A 316 -2.18 20.76 27.62
CA ASN A 316 -1.85 19.90 26.47
C ASN A 316 -2.50 18.50 26.56
N TYR A 317 -3.25 18.19 27.59
CA TYR A 317 -3.94 16.92 27.61
C TYR A 317 -4.81 16.87 26.34
N PRO A 318 -4.72 15.78 25.54
CA PRO A 318 -5.24 15.89 24.18
C PRO A 318 -6.68 15.43 23.94
N PHE A 319 -7.29 14.76 24.94
CA PHE A 319 -8.64 14.24 24.80
C PHE A 319 -9.68 15.10 25.66
N SER B 3 14.98 3.52 -2.95
CA SER B 3 15.33 2.07 -2.86
C SER B 3 14.00 1.24 -2.69
N LYS B 4 13.11 1.64 -1.74
CA LYS B 4 11.82 1.01 -1.50
C LYS B 4 10.74 1.68 -2.29
N TYR B 5 9.59 1.02 -2.45
CA TYR B 5 8.48 1.55 -3.22
C TYR B 5 7.25 0.73 -2.85
N GLN B 6 6.08 1.31 -3.12
CA GLN B 6 4.80 0.75 -2.69
CA GLN B 6 4.83 0.74 -2.71
C GLN B 6 4.40 -0.40 -3.61
N CYS B 7 4.20 -1.57 -3.00
CA CYS B 7 3.70 -2.78 -3.67
C CYS B 7 2.56 -3.37 -2.90
N VAL B 8 1.80 -4.26 -3.55
CA VAL B 8 0.74 -5.05 -2.97
C VAL B 8 1.08 -6.52 -3.13
N LYS B 9 0.72 -7.31 -2.13
CA LYS B 9 0.89 -8.77 -2.22
C LYS B 9 -0.19 -9.40 -3.09
N LEU B 10 0.23 -10.18 -4.09
CA LEU B 10 -0.68 -10.94 -4.94
C LEU B 10 -1.00 -12.29 -4.28
N ASN B 11 -2.02 -12.94 -4.88
CA ASN B 11 -2.58 -14.16 -4.30
C ASN B 11 -1.69 -15.43 -4.50
N ASP B 12 -0.61 -15.22 -5.26
CA ASP B 12 0.44 -16.25 -5.41
C ASP B 12 1.69 -15.97 -4.58
N GLY B 13 1.63 -14.96 -3.71
CA GLY B 13 2.78 -14.58 -2.89
C GLY B 13 3.75 -13.57 -3.48
N HIS B 14 3.68 -13.33 -4.78
CA HIS B 14 4.47 -12.30 -5.43
C HIS B 14 3.98 -10.91 -5.09
N PHE B 15 4.79 -9.90 -5.36
CA PHE B 15 4.43 -8.50 -5.08
C PHE B 15 4.44 -7.62 -6.32
N MET B 16 3.40 -6.80 -6.49
CA MET B 16 3.22 -5.96 -7.64
C MET B 16 3.30 -4.48 -7.20
N PRO B 17 4.16 -3.70 -7.84
CA PRO B 17 4.18 -2.22 -7.54
C PRO B 17 2.83 -1.60 -7.92
N VAL B 18 2.34 -0.68 -7.12
CA VAL B 18 0.96 -0.22 -7.27
C VAL B 18 0.76 0.85 -8.36
N LEU B 19 1.86 1.43 -8.85
CA LEU B 19 1.83 2.32 -9.98
C LEU B 19 2.72 1.73 -11.10
N GLY B 20 2.07 1.49 -12.22
CA GLY B 20 2.74 0.94 -13.40
C GLY B 20 2.77 1.92 -14.55
N PHE B 21 3.81 1.76 -15.38
CA PHE B 21 4.05 2.60 -16.53
C PHE B 21 3.54 1.90 -17.81
N GLY B 22 2.57 2.48 -18.43
CA GLY B 22 2.03 1.96 -19.66
C GLY B 22 2.92 2.32 -20.83
N THR B 23 2.94 1.43 -21.83
CA THR B 23 3.87 1.60 -22.90
C THR B 23 3.28 1.65 -24.27
N TYR B 24 1.97 1.52 -24.38
CA TYR B 24 1.35 1.50 -25.71
C TYR B 24 1.34 2.95 -26.35
N ALA B 25 1.79 3.07 -27.59
CA ALA B 25 1.64 4.30 -28.33
C ALA B 25 1.06 4.00 -29.71
N PRO B 26 0.26 4.96 -30.30
CA PRO B 26 -0.21 4.68 -31.69
C PRO B 26 0.93 4.45 -32.68
N ALA B 27 0.67 3.67 -33.74
CA ALA B 27 1.76 3.16 -34.65
C ALA B 27 2.49 4.30 -35.38
N GLU B 28 1.82 5.45 -35.50
CA GLU B 28 2.47 6.66 -36.05
C GLU B 28 3.62 7.20 -35.18
N VAL B 29 3.61 6.88 -33.89
CA VAL B 29 4.74 7.22 -33.02
C VAL B 29 5.87 6.18 -33.23
N PRO B 30 7.08 6.61 -33.58
CA PRO B 30 8.23 5.70 -33.83
C PRO B 30 8.56 4.85 -32.60
N LYS B 31 8.88 3.57 -32.81
CA LYS B 31 9.13 2.65 -31.70
C LYS B 31 10.29 3.08 -30.83
N SER B 32 11.33 3.71 -31.41
CA SER B 32 12.45 4.33 -30.63
C SER B 32 11.98 5.21 -29.46
N LYS B 33 10.80 5.81 -29.55
CA LYS B 33 10.29 6.64 -28.47
C LYS B 33 9.97 5.83 -27.21
N ALA B 34 9.65 4.56 -27.37
CA ALA B 34 9.32 3.75 -26.24
C ALA B 34 10.55 3.42 -25.44
N LEU B 35 11.67 3.32 -26.14
CA LEU B 35 12.93 3.05 -25.49
C LEU B 35 13.27 4.17 -24.50
N GLU B 36 13.24 5.40 -25.03
CA GLU B 36 13.59 6.53 -24.22
C GLU B 36 12.59 6.69 -23.08
N ALA B 37 11.30 6.51 -23.40
CA ALA B 37 10.28 6.66 -22.38
C ALA B 37 10.40 5.75 -21.20
N VAL B 38 10.66 4.48 -21.49
CA VAL B 38 10.87 3.49 -20.45
C VAL B 38 12.08 3.85 -19.55
N LYS B 39 13.17 4.29 -20.21
CA LYS B 39 14.32 4.71 -19.47
C LYS B 39 13.95 5.86 -18.50
N LEU B 40 13.19 6.84 -18.98
CA LEU B 40 12.77 7.98 -18.18
C LEU B 40 11.84 7.49 -17.05
N ALA B 41 10.97 6.54 -17.35
CA ALA B 41 10.05 6.07 -16.32
C ALA B 41 10.80 5.40 -15.16
N ILE B 42 11.79 4.56 -15.51
CA ILE B 42 12.62 3.95 -14.49
C ILE B 42 13.30 5.04 -13.69
N GLU B 43 13.92 5.98 -14.40
CA GLU B 43 14.59 7.07 -13.68
C GLU B 43 13.70 7.83 -12.69
N ALA B 44 12.43 8.05 -13.10
CA ALA B 44 11.45 8.78 -12.28
C ALA B 44 10.99 7.97 -11.06
N GLY B 45 11.16 6.63 -11.05
CA GLY B 45 10.76 5.80 -9.93
C GLY B 45 9.65 4.84 -10.24
N PHE B 46 9.27 4.67 -11.52
CA PHE B 46 8.38 3.51 -11.87
C PHE B 46 9.14 2.21 -11.73
N HIS B 47 8.52 1.23 -11.06
CA HIS B 47 9.09 -0.10 -10.85
C HIS B 47 8.26 -1.20 -11.55
N HIS B 48 7.18 -0.80 -12.19
CA HIS B 48 6.24 -1.74 -12.88
C HIS B 48 6.02 -1.16 -14.27
N ILE B 49 6.23 -1.99 -15.26
CA ILE B 49 6.20 -1.65 -16.68
CA ILE B 49 6.14 -1.62 -16.67
C ILE B 49 5.21 -2.60 -17.35
N ASP B 50 4.25 -2.04 -18.10
CA ASP B 50 3.19 -2.84 -18.71
C ASP B 50 3.31 -2.78 -20.24
N SER B 51 3.44 -3.95 -20.88
CA SER B 51 3.49 -4.00 -22.34
C SER B 51 2.70 -5.25 -22.77
N ALA B 52 2.88 -5.65 -23.99
CA ALA B 52 2.08 -6.72 -24.65
C ALA B 52 2.70 -7.00 -25.95
N HIS B 53 2.53 -8.23 -26.41
CA HIS B 53 2.98 -8.59 -27.76
C HIS B 53 2.42 -7.66 -28.84
N VAL B 54 1.14 -7.32 -28.70
CA VAL B 54 0.47 -6.54 -29.71
C VAL B 54 0.91 -5.07 -29.81
N TYR B 55 1.64 -4.57 -28.82
CA TYR B 55 2.10 -3.20 -28.82
C TYR B 55 3.29 -3.01 -29.75
N ASN B 56 3.92 -4.12 -30.16
CA ASN B 56 5.00 -4.10 -31.11
C ASN B 56 6.15 -3.19 -30.63
N ASN B 57 6.47 -3.31 -29.33
CA ASN B 57 7.49 -2.54 -28.67
C ASN B 57 8.39 -3.34 -27.74
N GLU B 58 8.22 -4.68 -27.63
CA GLU B 58 8.94 -5.41 -26.61
C GLU B 58 10.49 -5.37 -26.82
N GLU B 59 10.96 -5.29 -28.06
CA GLU B 59 12.39 -5.17 -28.28
C GLU B 59 12.97 -3.86 -27.61
N GLN B 60 12.23 -2.80 -27.77
CA GLN B 60 12.63 -1.45 -27.27
C GLN B 60 12.44 -1.37 -25.77
N VAL B 61 11.32 -1.93 -25.27
CA VAL B 61 11.07 -1.93 -23.85
C VAL B 61 12.13 -2.77 -23.10
N GLY B 62 12.42 -3.97 -23.65
CA GLY B 62 13.40 -4.81 -23.13
C GLY B 62 14.80 -4.12 -23.09
N LEU B 63 15.16 -3.44 -24.16
CA LEU B 63 16.45 -2.77 -24.24
C LEU B 63 16.54 -1.67 -23.16
N ALA B 64 15.43 -0.96 -22.92
CA ALA B 64 15.39 0.03 -21.83
C ALA B 64 15.64 -0.54 -20.47
N ILE B 65 14.95 -1.63 -20.18
CA ILE B 65 15.09 -2.32 -18.95
C ILE B 65 16.54 -2.85 -18.78
N ARG B 66 17.06 -3.53 -19.81
CA ARG B 66 18.37 -4.11 -19.71
C ARG B 66 19.47 -3.06 -19.57
N SER B 67 19.23 -1.91 -20.19
CA SER B 67 20.20 -0.78 -20.18
C SER B 67 20.31 -0.27 -18.73
N LYS B 68 19.15 -0.20 -18.07
CA LYS B 68 19.11 0.27 -16.67
C LYS B 68 19.59 -0.72 -15.60
N ILE B 69 19.50 -2.00 -15.92
CA ILE B 69 20.11 -3.00 -15.13
C ILE B 69 21.62 -2.94 -15.36
N ALA B 70 22.05 -2.84 -16.61
CA ALA B 70 23.49 -2.98 -16.92
C ALA B 70 24.27 -1.79 -16.33
N ASP B 71 23.67 -0.61 -16.29
CA ASP B 71 24.36 0.55 -15.72
C ASP B 71 24.19 0.69 -14.21
N GLY B 72 23.48 -0.24 -13.58
CA GLY B 72 23.32 -0.21 -12.13
C GLY B 72 22.21 0.68 -11.61
N SER B 73 21.39 1.30 -12.48
CA SER B 73 20.22 2.10 -12.02
C SER B 73 19.19 1.25 -11.20
N VAL B 74 19.03 -0.03 -11.60
CA VAL B 74 17.99 -0.87 -11.00
C VAL B 74 18.46 -2.32 -11.13
N LYS B 75 17.99 -3.17 -10.22
CA LYS B 75 18.19 -4.62 -10.36
C LYS B 75 16.92 -5.23 -11.03
N ARG B 76 17.13 -6.36 -11.67
CA ARG B 76 16.00 -7.07 -12.29
C ARG B 76 14.90 -7.36 -11.29
N GLU B 77 15.24 -7.68 -10.06
CA GLU B 77 14.26 -7.98 -9.05
C GLU B 77 13.44 -6.75 -8.62
N ASP B 78 13.91 -5.56 -8.97
CA ASP B 78 13.16 -4.32 -8.72
C ASP B 78 12.41 -3.76 -9.91
N ILE B 79 12.24 -4.59 -10.93
CA ILE B 79 11.44 -4.24 -12.04
C ILE B 79 10.38 -5.36 -12.13
N PHE B 80 9.12 -4.90 -12.27
CA PHE B 80 8.01 -5.82 -12.43
C PHE B 80 7.51 -5.55 -13.85
N TYR B 81 7.77 -6.54 -14.73
CA TYR B 81 7.43 -6.41 -16.13
C TYR B 81 6.28 -7.38 -16.49
N THR B 82 5.28 -6.78 -17.14
CA THR B 82 4.09 -7.52 -17.60
C THR B 82 4.08 -7.56 -19.12
N SER B 83 3.88 -8.80 -19.63
CA SER B 83 3.48 -9.02 -21.02
C SER B 83 2.09 -9.64 -21.08
N LYS B 84 1.56 -9.72 -22.31
CA LYS B 84 0.23 -10.22 -22.54
C LYS B 84 0.26 -11.12 -23.79
N LEU B 85 -0.48 -12.23 -23.62
CA LEU B 85 -0.73 -13.24 -24.63
C LEU B 85 -1.83 -12.68 -25.56
N TRP B 86 -1.50 -12.43 -26.83
CA TRP B 86 -2.49 -11.93 -27.79
C TRP B 86 -3.43 -13.11 -28.20
N SER B 87 -4.59 -12.70 -28.71
CA SER B 87 -5.72 -13.55 -29.05
C SER B 87 -5.47 -14.53 -30.18
N ASN B 88 -4.43 -14.34 -30.97
CA ASN B 88 -4.01 -15.28 -31.99
C ASN B 88 -3.19 -16.44 -31.41
N SER B 89 -2.96 -16.47 -30.12
CA SER B 89 -2.17 -17.54 -29.48
C SER B 89 -2.84 -18.17 -28.28
N HIS B 90 -4.19 -18.09 -28.25
CA HIS B 90 -5.01 -18.75 -27.21
C HIS B 90 -4.92 -20.30 -27.22
N ARG B 91 -4.74 -20.87 -28.44
CA ARG B 91 -4.74 -22.35 -28.49
C ARG B 91 -3.62 -22.87 -27.56
N PRO B 92 -3.89 -23.93 -26.80
CA PRO B 92 -2.97 -24.35 -25.76
C PRO B 92 -1.51 -24.53 -26.21
N GLU B 93 -1.31 -25.13 -27.38
CA GLU B 93 0.05 -25.37 -27.85
C GLU B 93 0.73 -24.16 -28.39
N LEU B 94 0.02 -23.01 -28.42
CA LEU B 94 0.59 -21.77 -28.86
C LEU B 94 1.00 -20.83 -27.68
N VAL B 95 0.61 -21.12 -26.48
CA VAL B 95 0.74 -20.14 -25.38
C VAL B 95 2.24 -20.05 -24.99
N ARG B 96 2.92 -21.17 -24.69
CA ARG B 96 4.33 -21.08 -24.32
C ARG B 96 5.19 -20.49 -25.44
N PRO B 97 4.95 -20.89 -26.70
CA PRO B 97 5.67 -20.21 -27.82
C PRO B 97 5.48 -18.73 -27.86
N ALA B 98 4.26 -18.28 -27.62
CA ALA B 98 4.06 -16.81 -27.61
C ALA B 98 4.83 -16.07 -26.49
N LEU B 99 4.90 -16.72 -25.33
CA LEU B 99 5.66 -16.16 -24.24
C LEU B 99 7.16 -16.14 -24.58
N GLU B 100 7.64 -17.27 -25.09
CA GLU B 100 9.06 -17.41 -25.47
C GLU B 100 9.40 -16.39 -26.50
N ARG B 101 8.50 -16.06 -27.41
CA ARG B 101 8.75 -15.03 -28.44
C ARG B 101 8.91 -13.66 -27.84
N SER B 102 7.99 -13.34 -26.92
CA SER B 102 8.10 -12.07 -26.20
C SER B 102 9.38 -12.03 -25.41
N LEU B 103 9.77 -13.06 -24.75
CA LEU B 103 11.03 -13.16 -23.94
C LEU B 103 12.25 -13.03 -24.84
N LYS B 104 12.18 -13.59 -26.05
CA LYS B 104 13.33 -13.46 -27.00
C LYS B 104 13.46 -12.02 -27.50
N ASN B 105 12.35 -11.31 -27.74
CA ASN B 105 12.34 -9.91 -28.10
C ASN B 105 12.86 -9.04 -26.94
N LEU B 106 12.47 -9.35 -25.72
CA LEU B 106 12.90 -8.60 -24.54
C LEU B 106 14.36 -8.89 -24.16
N GLN B 107 14.89 -10.05 -24.57
CA GLN B 107 16.14 -10.63 -24.05
CA GLN B 107 16.11 -10.72 -24.00
C GLN B 107 16.14 -10.76 -22.51
N LEU B 108 14.99 -11.20 -21.96
CA LEU B 108 14.83 -11.44 -20.53
C LEU B 108 14.51 -12.93 -20.35
N ASP B 109 14.87 -13.44 -19.21
CA ASP B 109 14.65 -14.84 -18.80
C ASP B 109 13.21 -15.14 -18.43
N TYR B 110 12.52 -14.14 -17.85
CA TYR B 110 11.16 -14.31 -17.40
C TYR B 110 10.46 -12.95 -17.43
N VAL B 111 9.12 -13.01 -17.46
CA VAL B 111 8.25 -11.89 -17.17
C VAL B 111 7.76 -12.04 -15.77
N ASP B 112 7.51 -10.92 -15.11
CA ASP B 112 6.88 -10.92 -13.80
C ASP B 112 5.41 -11.34 -13.83
N LEU B 113 4.76 -10.98 -14.94
CA LEU B 113 3.34 -11.20 -15.04
C LEU B 113 3.05 -11.43 -16.53
N TYR B 114 2.24 -12.48 -16.77
CA TYR B 114 1.72 -12.76 -18.10
C TYR B 114 0.21 -12.87 -18.02
N LEU B 115 -0.44 -12.09 -18.91
CA LEU B 115 -1.91 -12.00 -18.95
C LEU B 115 -2.50 -12.58 -20.21
N ILE B 116 -3.68 -13.19 -20.05
CA ILE B 116 -4.52 -13.34 -21.27
C ILE B 116 -5.05 -11.92 -21.62
N HIS B 117 -4.67 -11.35 -22.77
CA HIS B 117 -4.94 -9.97 -23.08
C HIS B 117 -6.42 -9.68 -23.20
N PHE B 118 -7.13 -10.57 -23.92
CA PHE B 118 -8.53 -10.32 -24.31
C PHE B 118 -9.20 -11.65 -24.53
N PRO B 119 -10.42 -11.83 -24.01
CA PRO B 119 -10.97 -13.18 -23.98
C PRO B 119 -11.52 -13.72 -25.28
N VAL B 120 -11.68 -12.92 -26.29
CA VAL B 120 -12.03 -13.36 -27.64
C VAL B 120 -10.79 -13.85 -28.40
N SER B 121 -10.89 -15.02 -29.04
CA SER B 121 -9.80 -15.62 -29.81
C SER B 121 -9.92 -15.22 -31.26
N VAL B 122 -8.81 -15.11 -31.97
CA VAL B 122 -8.74 -14.91 -33.41
C VAL B 122 -7.81 -15.97 -33.98
N LYS B 123 -7.96 -16.12 -35.30
CA LYS B 123 -7.21 -17.19 -36.01
C LYS B 123 -5.67 -17.03 -35.86
N PRO B 124 -4.96 -18.14 -35.62
CA PRO B 124 -3.52 -18.03 -35.54
C PRO B 124 -2.85 -17.56 -36.78
N GLY B 125 -1.71 -16.91 -36.55
CA GLY B 125 -0.95 -16.33 -37.65
C GLY B 125 -0.29 -15.07 -37.24
N GLU B 126 0.52 -14.50 -38.11
CA GLU B 126 1.18 -13.28 -37.79
C GLU B 126 0.26 -12.13 -37.56
N GLU B 127 -0.73 -11.97 -38.41
CA GLU B 127 -1.64 -10.85 -38.29
C GLU B 127 -2.40 -10.89 -37.00
N VAL B 128 -2.32 -9.80 -36.28
CA VAL B 128 -2.97 -9.74 -34.98
C VAL B 128 -4.48 -9.50 -35.05
N ILE B 129 -4.96 -8.85 -36.09
CA ILE B 129 -6.41 -8.75 -36.29
C ILE B 129 -6.74 -9.24 -37.70
N PRO B 130 -6.74 -10.54 -37.87
CA PRO B 130 -6.95 -11.11 -39.20
C PRO B 130 -8.38 -10.89 -39.68
N LYS B 131 -8.52 -10.55 -40.96
CA LYS B 131 -9.81 -10.26 -41.52
C LYS B 131 -10.05 -11.08 -42.80
N ASP B 132 -11.35 -11.39 -43.00
CA ASP B 132 -11.79 -12.15 -44.14
C ASP B 132 -12.08 -11.22 -45.37
N GLU B 133 -12.56 -11.83 -46.44
CA GLU B 133 -12.76 -11.10 -47.70
C GLU B 133 -13.88 -10.06 -47.63
N ASN B 134 -14.75 -10.19 -46.62
CA ASN B 134 -15.81 -9.18 -46.32
C ASN B 134 -15.39 -8.12 -45.30
N GLY B 135 -14.10 -8.15 -44.87
CA GLY B 135 -13.59 -7.24 -43.85
C GLY B 135 -14.00 -7.56 -42.41
N LYS B 136 -14.55 -8.75 -42.16
CA LYS B 136 -15.00 -9.19 -40.81
C LYS B 136 -13.81 -9.93 -40.14
N ILE B 137 -13.69 -9.85 -38.84
CA ILE B 137 -12.65 -10.52 -38.12
C ILE B 137 -12.76 -12.01 -38.29
N LEU B 138 -11.61 -12.67 -38.50
CA LEU B 138 -11.46 -14.13 -38.44
C LEU B 138 -11.31 -14.58 -36.98
N PHE B 139 -12.44 -14.62 -36.27
CA PHE B 139 -12.49 -15.15 -34.95
C PHE B 139 -12.12 -16.62 -34.97
N ASP B 140 -11.68 -17.12 -33.82
CA ASP B 140 -11.42 -18.52 -33.61
C ASP B 140 -12.26 -18.95 -32.43
N THR B 141 -12.27 -20.24 -32.14
CA THR B 141 -12.90 -20.83 -30.99
C THR B 141 -11.87 -21.62 -30.14
N VAL B 142 -11.66 -21.18 -28.89
CA VAL B 142 -10.75 -21.85 -28.03
C VAL B 142 -11.32 -21.87 -26.62
N ASP B 143 -11.29 -23.04 -25.97
CA ASP B 143 -11.68 -23.16 -24.56
C ASP B 143 -10.65 -22.37 -23.71
N LEU B 144 -11.10 -21.27 -23.10
CA LEU B 144 -10.20 -20.46 -22.24
C LEU B 144 -9.70 -21.21 -21.02
N CYS B 145 -10.40 -22.24 -20.55
CA CYS B 145 -9.83 -23.09 -19.49
C CYS B 145 -8.57 -23.81 -19.94
N ALA B 146 -8.58 -24.25 -21.21
CA ALA B 146 -7.40 -24.85 -21.82
C ALA B 146 -6.22 -23.82 -21.95
N THR B 147 -6.56 -22.61 -22.44
CA THR B 147 -5.58 -21.55 -22.46
C THR B 147 -5.01 -21.33 -21.02
N TRP B 148 -5.88 -21.31 -20.02
CA TRP B 148 -5.44 -21.10 -18.65
C TRP B 148 -4.50 -22.20 -18.16
N GLU B 149 -4.85 -23.46 -18.46
CA GLU B 149 -3.97 -24.53 -18.11
C GLU B 149 -2.59 -24.37 -18.73
N ALA B 150 -2.54 -23.89 -19.96
CA ALA B 150 -1.27 -23.58 -20.61
C ALA B 150 -0.53 -22.46 -19.94
N MET B 151 -1.27 -21.43 -19.50
CA MET B 151 -0.65 -20.32 -18.71
C MET B 151 -0.01 -20.88 -17.42
N GLU B 152 -0.69 -21.75 -16.71
CA GLU B 152 -0.23 -22.36 -15.49
C GLU B 152 1.10 -23.06 -15.73
N LYS B 153 1.21 -23.79 -16.85
CA LYS B 153 2.45 -24.43 -17.18
C LYS B 153 3.58 -23.46 -17.46
N CYS B 154 3.29 -22.27 -18.00
CA CYS B 154 4.36 -21.24 -18.15
C CYS B 154 4.84 -20.76 -16.79
N LYS B 155 3.95 -20.65 -15.82
CA LYS B 155 4.34 -20.27 -14.44
C LYS B 155 5.19 -21.38 -13.79
N ASP B 156 4.75 -22.65 -13.95
CA ASP B 156 5.55 -23.79 -13.45
C ASP B 156 6.93 -23.89 -14.05
N ALA B 157 7.02 -23.49 -15.30
CA ALA B 157 8.30 -23.48 -16.01
C ALA B 157 9.19 -22.31 -15.65
N GLY B 158 8.69 -21.37 -14.86
CA GLY B 158 9.47 -20.21 -14.42
C GLY B 158 9.56 -19.08 -15.40
N LEU B 159 8.83 -19.20 -16.51
CA LEU B 159 8.81 -18.21 -17.57
C LEU B 159 7.97 -16.94 -17.27
N ALA B 160 6.99 -17.15 -16.41
CA ALA B 160 6.18 -16.08 -15.84
C ALA B 160 6.10 -16.30 -14.38
N LYS B 161 6.45 -15.26 -13.61
CA LYS B 161 6.40 -15.39 -12.14
C LYS B 161 4.93 -15.55 -11.63
N SER B 162 4.13 -14.70 -12.26
CA SER B 162 2.69 -14.69 -11.96
C SER B 162 1.87 -14.67 -13.27
N ILE B 163 0.61 -15.11 -13.16
CA ILE B 163 -0.29 -15.12 -14.32
C ILE B 163 -1.62 -14.49 -13.94
N GLY B 164 -2.24 -13.81 -14.91
CA GLY B 164 -3.54 -13.17 -14.69
C GLY B 164 -4.27 -12.98 -15.98
N VAL B 165 -5.33 -12.16 -15.92
CA VAL B 165 -6.19 -11.92 -17.03
C VAL B 165 -6.40 -10.46 -17.29
N SER B 166 -6.99 -10.15 -18.42
CA SER B 166 -7.36 -8.78 -18.74
C SER B 166 -8.63 -8.73 -19.50
N ASN B 167 -9.51 -7.72 -19.24
CA ASN B 167 -10.80 -7.57 -19.95
C ASN B 167 -11.71 -8.79 -19.70
N PHE B 168 -11.59 -9.40 -18.51
CA PHE B 168 -12.53 -10.44 -18.12
C PHE B 168 -13.68 -9.79 -17.34
N ASN B 169 -14.89 -10.32 -17.59
CA ASN B 169 -16.06 -10.01 -16.79
C ASN B 169 -16.28 -11.07 -15.71
N HIS B 170 -17.30 -10.85 -14.90
CA HIS B 170 -17.62 -11.79 -13.83
C HIS B 170 -17.76 -13.23 -14.30
N ARG B 171 -18.55 -13.42 -15.39
CA ARG B 171 -18.77 -14.78 -15.87
C ARG B 171 -17.44 -15.47 -16.21
N LEU B 172 -16.58 -14.74 -16.94
CA LEU B 172 -15.31 -15.34 -17.33
C LEU B 172 -14.36 -15.54 -16.21
N LEU B 173 -14.35 -14.63 -15.22
CA LEU B 173 -13.60 -14.89 -14.04
C LEU B 173 -14.01 -16.16 -13.33
N GLU B 174 -15.33 -16.31 -13.20
CA GLU B 174 -15.83 -17.49 -12.51
C GLU B 174 -15.51 -18.77 -13.29
N MET B 175 -15.53 -18.69 -14.63
CA MET B 175 -15.12 -19.85 -15.45
C MET B 175 -13.77 -20.37 -15.02
N ILE B 176 -12.82 -19.42 -14.86
CA ILE B 176 -11.49 -19.83 -14.44
C ILE B 176 -11.48 -20.29 -12.96
N LEU B 177 -12.06 -19.47 -12.09
CA LEU B 177 -12.01 -19.75 -10.66
C LEU B 177 -12.67 -21.08 -10.27
N ASN B 178 -13.68 -21.44 -11.04
CA ASN B 178 -14.34 -22.72 -10.80
C ASN B 178 -13.85 -23.90 -11.67
N LYS B 179 -12.78 -23.69 -12.47
CA LYS B 179 -12.27 -24.71 -13.33
C LYS B 179 -11.87 -25.93 -12.48
N PRO B 180 -12.34 -27.14 -12.86
CA PRO B 180 -11.81 -28.31 -12.23
C PRO B 180 -10.25 -28.41 -12.33
N GLY B 181 -9.62 -28.71 -11.18
CA GLY B 181 -8.17 -28.88 -11.15
C GLY B 181 -7.35 -27.61 -11.29
N LEU B 182 -7.99 -26.47 -11.12
CA LEU B 182 -7.29 -25.16 -11.10
C LEU B 182 -6.06 -25.29 -10.18
N LYS B 183 -4.93 -24.81 -10.71
CA LYS B 183 -3.69 -24.70 -9.95
C LYS B 183 -3.41 -23.30 -9.36
N TYR B 184 -3.61 -22.29 -10.22
CA TYR B 184 -3.31 -20.90 -9.88
C TYR B 184 -4.45 -20.01 -10.26
N LYS B 185 -4.97 -19.28 -9.25
CA LYS B 185 -5.94 -18.24 -9.58
C LYS B 185 -5.24 -17.15 -10.43
N PRO B 186 -6.02 -16.40 -11.22
CA PRO B 186 -5.42 -15.18 -11.80
C PRO B 186 -5.05 -14.26 -10.62
N VAL B 187 -3.88 -13.62 -10.73
CA VAL B 187 -3.48 -12.67 -9.68
C VAL B 187 -4.23 -11.33 -9.85
N CYS B 188 -4.71 -11.05 -11.02
CA CYS B 188 -5.22 -9.74 -11.40
C CYS B 188 -6.19 -9.84 -12.52
N ASN B 189 -6.97 -8.77 -12.67
CA ASN B 189 -7.83 -8.53 -13.83
C ASN B 189 -7.59 -7.09 -14.27
N GLN B 190 -6.91 -6.95 -15.39
CA GLN B 190 -6.55 -5.62 -15.90
C GLN B 190 -7.63 -5.12 -16.78
N VAL B 191 -8.32 -4.06 -16.40
CA VAL B 191 -9.53 -3.58 -17.06
C VAL B 191 -9.54 -2.06 -17.13
N GLU B 192 -10.40 -1.52 -17.97
CA GLU B 192 -10.62 -0.05 -17.98
C GLU B 192 -11.20 0.37 -16.66
N CYS B 193 -10.65 1.44 -16.12
CA CYS B 193 -11.23 1.95 -14.85
C CYS B 193 -10.72 3.39 -14.60
N HIS B 194 -11.70 4.25 -14.30
CA HIS B 194 -11.47 5.71 -14.14
C HIS B 194 -12.74 6.29 -13.54
N PRO B 195 -12.71 7.59 -13.16
CA PRO B 195 -13.92 8.12 -12.49
C PRO B 195 -15.18 8.17 -13.30
N TYR B 196 -15.10 8.09 -14.63
CA TYR B 196 -16.34 7.88 -15.41
C TYR B 196 -16.85 6.47 -15.59
N PHE B 197 -16.04 5.48 -15.19
CA PHE B 197 -16.39 4.05 -15.32
C PHE B 197 -15.62 3.36 -14.16
N ASN B 198 -16.10 3.51 -12.93
CA ASN B 198 -15.23 3.19 -11.79
C ASN B 198 -15.21 1.72 -11.38
N GLN B 199 -16.00 0.90 -12.10
CA GLN B 199 -16.01 -0.56 -11.92
C GLN B 199 -16.26 -1.05 -10.51
N ARG B 200 -17.07 -0.30 -9.72
CA ARG B 200 -17.27 -0.71 -8.37
C ARG B 200 -17.70 -2.18 -8.17
N LYS B 201 -18.66 -2.60 -8.98
CA LYS B 201 -19.14 -3.96 -8.85
C LYS B 201 -18.06 -5.01 -9.11
N LEU B 202 -17.39 -4.85 -10.24
CA LEU B 202 -16.33 -5.78 -10.62
C LEU B 202 -15.18 -5.71 -9.61
N LEU B 203 -14.84 -4.50 -9.19
CA LEU B 203 -13.82 -4.30 -8.15
C LEU B 203 -14.14 -5.07 -6.84
N ASP B 204 -15.36 -4.94 -6.33
CA ASP B 204 -15.74 -5.67 -5.17
C ASP B 204 -15.68 -7.19 -5.37
N PHE B 205 -16.13 -7.66 -6.58
CA PHE B 205 -16.02 -9.08 -6.85
C PHE B 205 -14.56 -9.62 -6.85
N CYS B 206 -13.68 -8.82 -7.49
CA CYS B 206 -12.26 -9.11 -7.48
C CYS B 206 -11.74 -9.15 -6.04
N LYS B 207 -12.05 -8.09 -5.27
CA LYS B 207 -11.61 -8.10 -3.87
C LYS B 207 -12.03 -9.35 -3.11
N SER B 208 -13.28 -9.76 -3.34
CA SER B 208 -13.81 -10.93 -2.65
C SER B 208 -13.12 -12.28 -2.95
N LYS B 209 -12.38 -12.26 -4.08
CA LYS B 209 -11.56 -13.35 -4.57
C LYS B 209 -10.06 -13.12 -4.46
N ASP B 210 -9.67 -12.07 -3.75
CA ASP B 210 -8.28 -11.63 -3.65
C ASP B 210 -7.58 -11.54 -5.04
N ILE B 211 -8.29 -11.02 -6.01
CA ILE B 211 -7.79 -10.70 -7.34
C ILE B 211 -7.58 -9.18 -7.33
N VAL B 212 -6.42 -8.72 -7.77
CA VAL B 212 -6.16 -7.27 -7.87
C VAL B 212 -6.77 -6.76 -9.12
N LEU B 213 -7.52 -5.65 -9.07
CA LEU B 213 -7.95 -4.95 -10.23
C LEU B 213 -6.86 -3.98 -10.63
N VAL B 214 -6.44 -4.04 -11.90
CA VAL B 214 -5.38 -3.19 -12.44
C VAL B 214 -6.08 -2.33 -13.48
N ALA B 215 -6.01 -1.01 -13.29
CA ALA B 215 -6.76 -0.06 -14.11
C ALA B 215 -5.93 0.47 -15.26
N TYR B 216 -6.47 0.31 -16.47
CA TYR B 216 -5.97 1.02 -17.62
C TYR B 216 -6.97 2.11 -18.02
N SER B 217 -6.53 2.96 -18.94
CA SER B 217 -7.24 4.16 -19.31
C SER B 217 -7.66 4.97 -18.09
N ALA B 218 -6.80 4.97 -17.08
CA ALA B 218 -7.07 5.62 -15.79
C ALA B 218 -7.15 7.13 -15.96
N LEU B 219 -6.58 7.60 -17.04
CA LEU B 219 -6.60 9.00 -17.38
C LEU B 219 -7.54 9.36 -18.48
N GLY B 220 -8.42 8.42 -18.82
CA GLY B 220 -9.47 8.70 -19.83
C GLY B 220 -9.07 8.21 -21.24
N SER B 221 -7.92 7.50 -21.36
CA SER B 221 -7.40 6.89 -22.62
C SER B 221 -6.72 7.91 -23.51
N HIS B 222 -5.99 7.40 -24.49
CA HIS B 222 -5.36 8.21 -25.55
C HIS B 222 -6.40 8.79 -26.52
N ARG B 223 -7.62 8.31 -26.43
CA ARG B 223 -8.67 8.76 -27.30
C ARG B 223 -8.27 8.49 -28.80
N GLU B 224 -7.49 7.42 -29.04
CA GLU B 224 -7.04 7.12 -30.43
C GLU B 224 -8.24 6.62 -31.27
N GLU B 225 -8.51 7.24 -32.42
CA GLU B 225 -9.48 6.67 -33.33
C GLU B 225 -8.73 5.59 -34.09
N PRO B 226 -9.43 4.50 -34.43
CA PRO B 226 -10.87 4.33 -34.26
C PRO B 226 -11.33 3.58 -33.01
N TRP B 227 -10.45 3.48 -32.01
CA TRP B 227 -10.69 2.66 -30.82
C TRP B 227 -11.66 3.39 -29.84
N VAL B 228 -11.64 4.72 -29.90
CA VAL B 228 -12.37 5.53 -28.97
C VAL B 228 -13.13 6.61 -29.72
N ASP B 229 -14.41 6.79 -29.37
CA ASP B 229 -15.31 7.77 -29.99
C ASP B 229 -14.88 9.17 -29.57
N PRO B 230 -14.59 10.05 -30.56
CA PRO B 230 -14.03 11.37 -30.22
C PRO B 230 -15.05 12.32 -29.58
N ASN B 231 -16.33 11.94 -29.65
CA ASN B 231 -17.42 12.69 -28.97
C ASN B 231 -17.62 12.25 -27.53
N SER B 232 -16.83 11.26 -27.07
CA SER B 232 -16.88 10.87 -25.69
C SER B 232 -16.38 12.06 -24.79
N PRO B 233 -16.94 12.15 -23.56
CA PRO B 233 -16.48 13.26 -22.71
C PRO B 233 -15.02 13.08 -22.42
N VAL B 234 -14.32 14.19 -22.30
CA VAL B 234 -12.90 14.18 -21.99
C VAL B 234 -12.69 14.15 -20.45
N LEU B 235 -12.18 13.03 -19.95
CA LEU B 235 -12.09 12.81 -18.50
C LEU B 235 -11.37 13.94 -17.83
N LEU B 236 -10.21 14.31 -18.34
CA LEU B 236 -9.33 15.20 -17.60
C LEU B 236 -9.80 16.66 -17.67
N GLU B 237 -10.93 16.89 -18.35
CA GLU B 237 -11.57 18.24 -18.30
C GLU B 237 -12.72 18.28 -17.29
N ASP B 238 -12.92 17.21 -16.57
CA ASP B 238 -14.00 17.15 -15.61
C ASP B 238 -13.83 18.30 -14.60
N PRO B 239 -14.88 19.05 -14.36
CA PRO B 239 -14.78 20.19 -13.45
C PRO B 239 -14.45 19.83 -12.00
N VAL B 240 -14.99 18.71 -11.53
CA VAL B 240 -14.73 18.26 -10.16
C VAL B 240 -13.27 17.83 -10.06
N LEU B 241 -12.81 17.03 -11.04
CA LEU B 241 -11.35 16.70 -11.02
C LEU B 241 -10.45 17.90 -11.09
N CYS B 242 -10.87 18.87 -11.91
CA CYS B 242 -10.12 20.11 -12.08
C CYS B 242 -10.11 20.97 -10.78
N ALA B 243 -11.25 21.06 -10.12
CA ALA B 243 -11.36 21.80 -8.83
C ALA B 243 -10.53 21.15 -7.72
N LEU B 244 -10.54 19.80 -7.67
CA LEU B 244 -9.73 19.11 -6.64
C LEU B 244 -8.26 19.32 -6.94
N ALA B 245 -7.89 19.21 -8.18
CA ALA B 245 -6.50 19.48 -8.60
C ALA B 245 -6.01 20.90 -8.19
N LYS B 246 -6.87 21.89 -8.43
CA LYS B 246 -6.53 23.26 -8.12
C LYS B 246 -6.34 23.37 -6.61
N LYS B 247 -7.31 22.84 -5.87
CA LYS B 247 -7.28 22.88 -4.39
C LYS B 247 -5.96 22.30 -3.86
N HIS B 248 -5.54 21.16 -4.48
CA HIS B 248 -4.36 20.44 -4.01
C HIS B 248 -3.05 20.93 -4.63
N LYS B 249 -3.14 21.84 -5.58
CA LYS B 249 -1.98 22.28 -6.40
C LYS B 249 -1.34 21.08 -7.12
N ARG B 250 -2.19 20.21 -7.60
CA ARG B 250 -1.77 19.03 -8.41
C ARG B 250 -2.48 19.18 -9.77
N THR B 251 -2.78 18.06 -10.45
CA THR B 251 -3.32 18.08 -11.78
C THR B 251 -4.45 17.10 -11.80
N PRO B 252 -5.39 17.26 -12.74
CA PRO B 252 -6.53 16.32 -12.74
C PRO B 252 -6.08 14.87 -12.92
N ALA B 253 -5.01 14.69 -13.68
CA ALA B 253 -4.42 13.31 -13.86
C ALA B 253 -4.02 12.72 -12.51
N LEU B 254 -3.35 13.55 -11.66
CA LEU B 254 -2.88 13.06 -10.37
C LEU B 254 -4.08 12.68 -9.44
N ILE B 255 -5.16 13.49 -9.49
CA ILE B 255 -6.37 13.19 -8.77
C ILE B 255 -6.92 11.80 -9.19
N ALA B 256 -7.04 11.59 -10.51
CA ALA B 256 -7.56 10.35 -11.06
C ALA B 256 -6.69 9.13 -10.72
N LEU B 257 -5.38 9.32 -10.67
CA LEU B 257 -4.48 8.25 -10.22
C LEU B 257 -4.60 7.93 -8.76
N ARG B 258 -4.63 9.00 -7.95
CA ARG B 258 -4.69 8.81 -6.51
C ARG B 258 -5.97 8.12 -6.05
N TYR B 259 -7.08 8.52 -6.71
CA TYR B 259 -8.34 7.89 -6.44
C TYR B 259 -8.19 6.35 -6.53
N GLN B 260 -7.57 5.87 -7.64
CA GLN B 260 -7.39 4.42 -7.75
C GLN B 260 -6.58 3.79 -6.61
N LEU B 261 -5.43 4.37 -6.31
CA LEU B 261 -4.61 3.90 -5.22
C LEU B 261 -5.37 3.72 -3.93
N GLN B 262 -6.14 4.76 -3.60
CA GLN B 262 -6.83 4.70 -2.29
C GLN B 262 -7.98 3.73 -2.21
N ARG B 263 -8.55 3.36 -3.35
CA ARG B 263 -9.64 2.41 -3.36
C ARG B 263 -9.13 0.98 -3.61
N GLY B 264 -7.80 0.79 -3.57
CA GLY B 264 -7.19 -0.54 -3.64
C GLY B 264 -6.94 -1.11 -4.99
N VAL B 265 -6.93 -0.22 -5.95
CA VAL B 265 -6.68 -0.52 -7.37
C VAL B 265 -5.21 -0.22 -7.70
N VAL B 266 -4.54 -1.11 -8.42
CA VAL B 266 -3.25 -0.86 -9.01
C VAL B 266 -3.48 -0.08 -10.30
N VAL B 267 -2.73 1.00 -10.54
CA VAL B 267 -3.08 1.95 -11.63
C VAL B 267 -1.89 2.08 -12.57
N LEU B 268 -2.22 2.03 -13.86
CA LEU B 268 -1.29 2.29 -14.93
C LEU B 268 -1.39 3.76 -15.35
N ALA B 269 -0.31 4.31 -15.87
CA ALA B 269 -0.27 5.65 -16.49
C ALA B 269 0.79 5.59 -17.59
N LYS B 270 0.35 5.91 -18.80
CA LYS B 270 1.34 6.01 -19.94
C LYS B 270 1.59 7.50 -20.25
N SER B 271 2.84 7.84 -20.43
CA SER B 271 3.19 9.09 -21.10
C SER B 271 4.56 8.86 -21.73
N TYR B 272 4.80 9.45 -22.91
CA TYR B 272 6.16 9.49 -23.44
C TYR B 272 6.83 10.85 -23.26
N ASN B 273 6.18 11.74 -22.53
CA ASN B 273 6.67 13.07 -22.21
C ASN B 273 7.27 13.16 -20.84
N GLU B 274 8.53 13.61 -20.80
CA GLU B 274 9.27 13.56 -19.56
C GLU B 274 8.53 14.33 -18.42
N GLN B 275 7.93 15.48 -18.74
CA GLN B 275 7.22 16.20 -17.68
C GLN B 275 6.09 15.38 -17.07
N ARG B 276 5.29 14.76 -17.92
N ARG B 276 5.30 14.76 -17.94
CA ARG B 276 4.14 14.01 -17.40
CA ARG B 276 4.15 13.97 -17.49
C ARG B 276 4.58 12.69 -16.74
C ARG B 276 4.60 12.71 -16.74
N ILE B 277 5.68 12.07 -17.22
CA ILE B 277 6.29 10.89 -16.56
C ILE B 277 6.65 11.22 -15.10
N ARG B 278 7.34 12.35 -14.92
CA ARG B 278 7.70 12.85 -13.60
C ARG B 278 6.55 13.27 -12.76
N GLN B 279 5.55 13.94 -13.37
CA GLN B 279 4.41 14.35 -12.62
C GLN B 279 3.64 13.15 -12.07
N ASN B 280 3.51 12.10 -12.88
CA ASN B 280 2.63 10.95 -12.45
C ASN B 280 3.13 10.18 -11.23
N VAL B 281 4.44 10.14 -11.01
CA VAL B 281 4.96 9.51 -9.82
C VAL B 281 4.69 10.33 -8.56
N GLN B 282 4.26 11.61 -8.71
CA GLN B 282 3.85 12.38 -7.57
C GLN B 282 2.58 11.95 -6.91
N VAL B 283 1.97 10.87 -7.43
CA VAL B 283 0.78 10.29 -6.82
C VAL B 283 1.02 9.88 -5.37
N PHE B 284 2.26 9.57 -5.03
CA PHE B 284 2.62 9.12 -3.70
C PHE B 284 2.84 10.25 -2.69
N GLU B 285 2.65 11.48 -3.16
N GLU B 285 2.71 11.49 -3.13
CA GLU B 285 3.04 12.73 -2.43
CA GLU B 285 3.12 12.60 -2.25
C GLU B 285 1.88 13.46 -1.74
C GLU B 285 1.94 13.24 -1.50
N PHE B 286 0.69 12.91 -1.89
CA PHE B 286 -0.49 13.52 -1.28
C PHE B 286 -1.62 12.47 -1.10
N GLN B 287 -2.67 12.81 -0.38
CA GLN B 287 -3.77 11.98 -0.06
C GLN B 287 -5.05 12.77 -0.26
N LEU B 288 -6.11 12.01 -0.46
CA LEU B 288 -7.47 12.45 -0.58
C LEU B 288 -8.30 12.04 0.62
N THR B 289 -9.09 12.99 1.13
CA THR B 289 -9.98 12.71 2.24
C THR B 289 -11.20 11.87 1.81
N SER B 290 -11.92 11.37 2.79
CA SER B 290 -13.10 10.50 2.53
C SER B 290 -14.10 11.35 1.74
N GLU B 291 -14.26 12.64 2.08
CA GLU B 291 -15.24 13.44 1.26
C GLU B 291 -14.81 13.64 -0.22
N GLU B 292 -13.51 13.86 -0.45
CA GLU B 292 -12.97 13.94 -1.75
C GLU B 292 -13.15 12.64 -2.54
N MET B 293 -12.93 11.50 -1.89
CA MET B 293 -13.15 10.19 -2.55
C MET B 293 -14.59 10.05 -3.00
N LYS B 294 -15.50 10.46 -2.09
CA LYS B 294 -16.92 10.35 -2.38
C LYS B 294 -17.30 11.24 -3.54
N ALA B 295 -16.71 12.43 -3.63
CA ALA B 295 -16.96 13.34 -4.74
C ALA B 295 -16.55 12.69 -6.05
N ILE B 296 -15.42 11.97 -6.04
CA ILE B 296 -14.95 11.34 -7.27
C ILE B 296 -15.81 10.13 -7.60
N ASP B 297 -16.19 9.35 -6.59
CA ASP B 297 -17.17 8.33 -6.80
C ASP B 297 -18.41 8.85 -7.51
N GLY B 298 -18.83 10.07 -7.16
CA GLY B 298 -20.08 10.59 -7.72
C GLY B 298 -20.06 10.90 -9.20
N LEU B 299 -18.85 10.85 -9.80
CA LEU B 299 -18.64 11.12 -11.19
C LEU B 299 -19.01 9.97 -12.11
N ASN B 300 -19.17 8.79 -11.55
CA ASN B 300 -19.39 7.58 -12.35
C ASN B 300 -20.57 7.83 -13.33
N ARG B 301 -20.36 7.36 -14.53
N ARG B 301 -20.35 7.41 -14.56
CA ARG B 301 -21.18 7.72 -15.65
CA ARG B 301 -21.20 7.76 -15.67
C ARG B 301 -21.62 6.59 -16.51
C ARG B 301 -21.61 6.59 -16.52
N ASN B 302 -20.98 5.44 -16.36
CA ASN B 302 -21.20 4.30 -17.32
C ASN B 302 -20.55 4.67 -18.71
N VAL B 303 -19.44 5.43 -18.72
CA VAL B 303 -18.71 5.82 -19.96
C VAL B 303 -17.60 4.87 -20.13
N ARG B 304 -17.77 3.85 -21.01
CA ARG B 304 -16.64 3.02 -21.39
C ARG B 304 -16.03 3.60 -22.67
N TYR B 305 -14.74 3.97 -22.60
CA TYR B 305 -14.01 4.49 -23.73
C TYR B 305 -13.61 3.39 -24.75
N LEU B 306 -13.15 2.23 -24.24
CA LEU B 306 -12.65 1.19 -25.12
C LEU B 306 -13.69 0.06 -25.19
N THR B 307 -14.64 0.19 -26.11
CA THR B 307 -15.69 -0.82 -26.19
C THR B 307 -15.24 -2.05 -26.97
N LEU B 308 -14.29 -1.86 -27.91
CA LEU B 308 -13.78 -2.98 -28.68
C LEU B 308 -14.86 -3.66 -29.47
N ASP B 309 -15.78 -2.86 -30.02
CA ASP B 309 -16.97 -3.44 -30.63
C ASP B 309 -16.73 -4.22 -31.94
N ILE B 310 -15.56 -4.00 -32.58
CA ILE B 310 -15.16 -4.82 -33.71
C ILE B 310 -15.04 -6.33 -33.27
N PHE B 311 -14.84 -6.59 -31.99
CA PHE B 311 -14.71 -7.97 -31.44
C PHE B 311 -16.05 -8.50 -30.89
N ALA B 312 -17.16 -7.79 -31.13
CA ALA B 312 -18.48 -8.21 -30.58
C ALA B 312 -19.00 -9.37 -31.43
N GLY B 313 -19.77 -10.25 -30.79
CA GLY B 313 -20.42 -11.37 -31.41
C GLY B 313 -20.06 -12.72 -30.79
N PRO B 314 -18.78 -12.98 -30.58
CA PRO B 314 -18.43 -14.22 -29.94
C PRO B 314 -18.92 -14.38 -28.52
N PRO B 315 -19.04 -15.66 -28.09
CA PRO B 315 -19.54 -15.90 -26.73
C PRO B 315 -18.72 -15.26 -25.59
N ASN B 316 -17.40 -15.10 -25.86
CA ASN B 316 -16.49 -14.55 -24.86
C ASN B 316 -16.29 -13.02 -24.95
N TYR B 317 -17.00 -12.33 -25.85
CA TYR B 317 -16.95 -10.86 -25.84
C TYR B 317 -17.45 -10.38 -24.47
N PRO B 318 -16.63 -9.54 -23.79
CA PRO B 318 -16.86 -9.36 -22.37
C PRO B 318 -17.79 -8.25 -21.93
N PHE B 319 -18.17 -7.36 -22.87
CA PHE B 319 -18.91 -6.19 -22.54
C PHE B 319 -20.44 -6.47 -23.05
O16 ID8 C . 2.31 3.85 24.90
C14 ID8 C . 1.94 3.75 26.08
O15 ID8 C . 1.80 2.61 26.64
C13 ID8 C . 1.68 4.95 26.81
C12 ID8 C . 1.15 6.06 26.07
C11 ID8 C . 0.83 7.34 26.66
C10 ID8 C . 0.99 7.45 28.05
C9 ID8 C . 1.55 6.40 28.76
C8 ID8 C . 1.90 5.15 28.22
N7 ID8 C . 2.42 4.15 28.93
C6 ID8 C . 3.24 4.23 30.04
C1 ID8 C . 3.36 3.04 30.78
C17 ID8 C . 2.71 1.93 30.34
C5 ID8 C . 3.90 5.39 30.46
C4 ID8 C . 4.68 5.32 31.64
C3 ID8 C . 4.80 4.13 32.33
C2 ID8 C . 4.16 2.97 31.93
C18 ID8 C . 4.36 1.82 32.75
PA NAP D . -3.50 -4.54 20.57
O1A NAP D . -4.74 -3.87 20.31
O2A NAP D . -2.62 -4.78 19.42
O5B NAP D . -3.93 -5.92 21.18
C5B NAP D . -3.09 -6.80 21.89
C4B NAP D . -3.96 -7.91 22.43
O4B NAP D . -4.65 -8.63 21.36
C3B NAP D . -3.11 -8.78 23.40
O3B NAP D . -3.93 -9.29 24.52
C2B NAP D . -2.86 -9.91 22.38
O2B NAP D . -2.67 -11.17 23.04
C1B NAP D . -4.16 -9.95 21.50
N9A NAP D . -4.09 -10.48 20.13
C8A NAP D . -3.14 -10.24 19.25
N7A NAP D . -3.42 -10.86 18.12
C5A NAP D . -4.58 -11.52 18.25
C6A NAP D . -5.35 -12.30 17.42
N6A NAP D . -4.96 -12.62 16.20
N1A NAP D . -6.51 -12.91 17.85
C2A NAP D . -6.85 -12.61 19.10
N3A NAP D . -6.16 -11.80 20.00
C4A NAP D . -5.01 -11.22 19.52
O3 NAP D . -2.62 -4.03 21.87
PN NAP D . -2.00 -2.63 22.28
O1N NAP D . -3.01 -1.80 22.88
O2N NAP D . -0.84 -3.22 22.95
O5D NAP D . -1.58 -1.85 20.98
C5D NAP D . -0.51 -2.47 20.19
C4D NAP D . 0.77 -1.61 20.29
O4D NAP D . 0.59 -0.22 20.00
C3D NAP D . 1.49 -1.71 21.66
O3D NAP D . 2.14 -2.96 21.88
C2D NAP D . 2.47 -0.52 21.50
O2D NAP D . 3.54 -0.94 20.60
C1D NAP D . 1.55 0.48 20.78
N1N NAP D . 0.84 1.43 21.64
C2N NAP D . 1.16 2.76 21.57
C3N NAP D . 0.58 3.72 22.38
C7N NAP D . 0.89 5.11 22.24
O7N NAP D . 0.52 5.97 23.07
N7N NAP D . 1.53 5.51 21.17
C4N NAP D . -0.42 3.25 23.24
C5N NAP D . -0.79 1.94 23.30
C6N NAP D . -0.18 1.02 22.48
P2B NAP D . -1.47 -12.12 22.79
O1X NAP D . -0.22 -11.26 23.04
O2X NAP D . -1.72 -13.18 23.81
O3X NAP D . -1.71 -12.64 21.40
C1 EDO E . 4.90 -5.37 5.96
O1 EDO E . 4.09 -4.26 6.04
C2 EDO E . 4.97 -6.10 7.31
O2 EDO E . 5.69 -5.37 8.31
NA NA F . 0.66 -4.28 23.53
O16 ID8 G . -4.33 -3.31 -24.99
C14 ID8 G . -4.79 -2.96 -26.02
O15 ID8 G . -4.39 -1.89 -26.57
C13 ID8 G . -5.82 -3.73 -26.66
C12 ID8 G . -6.72 -4.45 -25.87
C11 ID8 G . -7.73 -5.24 -26.34
C10 ID8 G . -7.86 -5.28 -27.73
C9 ID8 G . -6.96 -4.67 -28.51
C8 ID8 G . -5.94 -3.89 -28.05
N7 ID8 G . -5.03 -3.26 -28.87
C6 ID8 G . -4.60 -3.63 -30.12
C1 ID8 G . -4.12 -2.62 -30.95
C17 ID8 G . -4.05 -1.29 -30.50
C5 ID8 G . -4.69 -4.93 -30.60
C4 ID8 G . -4.24 -5.26 -31.89
C3 ID8 G . -3.69 -4.26 -32.71
C2 ID8 G . -3.67 -2.96 -32.25
C18 ID8 G . -3.14 -2.00 -33.18
PA NAP H . -4.14 6.59 -20.07
O1A NAP H . -5.50 6.75 -19.75
O2A NAP H . -3.00 6.21 -19.27
O5B NAP H . -3.62 7.95 -20.74
C5B NAP H . -4.36 8.77 -21.56
C4B NAP H . -3.24 9.74 -22.19
O4B NAP H . -2.94 10.64 -21.10
C3B NAP H . -1.84 9.25 -22.43
O3B NAP H . -1.65 8.60 -23.67
C2B NAP H . -0.86 10.49 -22.36
O2B NAP H . -0.15 11.37 -23.65
C1B NAP H . -1.74 11.38 -21.39
N9A NAP H . -1.16 11.69 -20.08
C8A NAP H . -0.32 10.93 -19.33
N7A NAP H . -0.04 11.56 -18.16
C5A NAP H . -0.70 12.75 -18.17
C6A NAP H . -0.75 13.83 -17.29
N6A NAP H . -0.08 13.83 -16.11
N1A NAP H . -1.46 14.93 -17.56
C2A NAP H . -2.17 14.95 -18.73
N3A NAP H . -2.12 13.84 -19.67
C4A NAP H . -1.35 12.81 -19.35
O3 NAP H . -4.14 5.76 -21.45
PN NAP H . -3.83 4.33 -22.12
O1N NAP H . -5.21 4.12 -22.52
O2N NAP H . -2.88 5.53 -22.50
O5D NAP H . -3.65 3.40 -20.95
C5D NAP H . -2.31 3.31 -20.39
C4D NAP H . -1.82 1.89 -20.56
O4D NAP H . -2.76 0.86 -20.13
C3D NAP H . -1.42 1.58 -21.93
O3D NAP H . -0.17 2.10 -22.29
C2D NAP H . -1.26 0.07 -21.73
O2D NAP H . -0.05 -0.29 -21.07
C1D NAP H . -2.45 -0.34 -20.92
N1N NAP H . -3.70 -0.74 -21.59
C2N NAP H . -4.08 -2.02 -21.49
C3N NAP H . -5.24 -2.43 -22.19
C7N NAP H . -5.73 -3.80 -22.06
O7N NAP H . -6.67 -4.18 -22.81
N7N NAP H . -5.16 -4.54 -21.09
C4N NAP H . -5.97 -1.49 -22.94
C5N NAP H . -5.55 -0.10 -23.00
C6N NAP H . -4.39 0.22 -22.33
P2B NAP H . 1.34 11.80 -23.31
O1X NAP H . 1.79 10.40 -23.84
O2X NAP H . 1.77 12.83 -24.26
O3X NAP H . 1.80 12.24 -21.94
O1 TLA I . -9.28 6.24 0.94
O11 TLA I . -11.53 7.24 1.57
C1 TLA I . -10.65 6.32 1.04
C2 TLA I . -11.30 5.09 0.41
O2 TLA I . -12.65 5.37 0.71
C3 TLA I . -10.90 3.85 1.14
O3 TLA I . -11.11 4.01 2.56
C4 TLA I . -11.61 2.67 0.60
O4 TLA I . -12.19 1.93 1.48
O41 TLA I . -11.73 2.59 -0.73
C1 EDO J . 6.13 2.68 -8.59
O1 EDO J . 6.12 1.65 -9.61
C2 EDO J . 5.91 2.04 -7.19
O2 EDO J . 4.61 1.55 -7.07
C1 EDO K . 0.71 -27.22 -23.19
O1 EDO K . 0.82 -28.63 -22.91
C2 EDO K . -0.78 -27.00 -23.17
O2 EDO K . -1.34 -27.15 -21.79
C1 EDO L . -19.62 -12.65 -49.83
O1 EDO L . -18.43 -11.92 -50.28
C2 EDO L . -19.25 -14.15 -49.59
O2 EDO L . -18.42 -14.26 -48.41
P PO4 M . -5.99 -25.08 -38.61
O1 PO4 M . -5.74 -25.56 -37.21
O2 PO4 M . -4.81 -24.86 -39.40
O3 PO4 M . -6.85 -26.41 -39.18
O4 PO4 M . -6.97 -23.93 -38.55
#